data_3EH5
#
_entry.id   3EH5
#
_cell.length_a   115.631
_cell.length_b   115.631
_cell.length_c   149.169
_cell.angle_alpha   90.00
_cell.angle_beta   90.00
_cell.angle_gamma   90.00
#
_symmetry.space_group_name_H-M   'P 41 21 2'
#
loop_
_entity.id
_entity.type
_entity.pdbx_description
1 polymer 'Cytochrome c oxidase subunit 1'
2 polymer 'Cytochrome c oxidase subunit 2'
3 polymer 'Cytochrome c oxidase polypeptide 2A'
4 non-polymer 'COPPER (I) ION'
5 non-polymer 'PROTOPORPHYRIN IX CONTAINING FE'
6 non-polymer HEME-AS
7 non-polymer 'nonyl beta-D-glucopyranoside'
8 non-polymer 'DINUCLEAR COPPER ION'
9 water water
#
loop_
_entity_poly.entity_id
_entity_poly.type
_entity_poly.pdbx_seq_one_letter_code
_entity_poly.pdbx_strand_id
1 'polypeptide(L)'
;SEISRVYEAYPEKKATLYFLVLGFLALIVGSLFGPFQALNYGNVDAYPLLMHHHHHHAVRASEISRVYEAYPEKKATLYF
LVLGFLALIVGSLFGPFQALNYGNVDAYPLLKRLLPFVQSYYQGLTLHGVLNAIVFTQLFAQAIMVYLPARELNMRPNMG
LMWLSWWMAFIGLVVAALPLLANEATVLYTFYPPLKGHWAFYLGASVFVLSTWVSIYIVLDLWRRWKAANPGKVTPLVTY
MAVVFWLMWFLASLGLVLEAVLFLLPWSFGLVEGVDPLVARTLFWWTGHPIVYFWLLPAYAIIYTILPKQAGGRLVSDPM
ARLAFLLFLLLSTPVGFHHQFADPGIDPTWKMIHSVLTLFVAVPSLMTAFTVAASLEFAGRLRGGRGLFGWIRALPWDNP
AFVAPVLGLLGFIPGGAGGIVNASFTLDYVVHNTAWVPGHFHLQVASLVTLTAMGSLYWLLPNLTGKPISDAQRRLGLAV
VWLWFLGMMIMAVGLHWAGLLNVPRRAYIAQVPDAYPHAAVPMVFNVLAGIVLLVALLLFIYGLFSVLLSRERKPELAEA
PLPFAEVISGPEDRRLVLAMDRIGFWFAVAAILVVLAYGPTLVQLFGHLNPVPGWRLW
;
A
2 'polypeptide(L)'
;DQHKAHKAILAYEKGWLAFSLAMLFVFIALIAYTLATHTAGVIPAGKLERVDPTTVRQEGPWADPAQAVVQTGPNQYTVY
VLAFAFGYQPNPIEVPQGAEIVFKITSPDVIHGFHVEGTNINVEVLPGEVSTVRYTFKRPGEYRIICNQYCGLGHQNMFG
TIVVKE
;
B
3 'polypeptide(L)' EEKPKGALAVILVLTLTILVFWLGVYAVFFARG C
#
loop_
_chem_comp.id
_chem_comp.type
_chem_comp.name
_chem_comp.formula
BNG D-saccharide 'nonyl beta-D-glucopyranoside' 'C15 H30 O6'
CU1 non-polymer 'COPPER (I) ION' 'Cu 1'
CUA non-polymer 'DINUCLEAR COPPER ION' Cu2
HAS non-polymer HEME-AS 'C54 H64 Fe N4 O6'
HEM non-polymer 'PROTOPORPHYRIN IX CONTAINING FE' 'C34 H32 Fe N4 O4'
#
# COMPACT_ATOMS: atom_id res chain seq x y z
N SER A 62 -22.84 28.62 -22.93
CA SER A 62 -21.43 29.11 -22.99
C SER A 62 -20.59 28.71 -21.75
N GLU A 63 -19.66 29.60 -21.37
CA GLU A 63 -18.55 29.32 -20.44
C GLU A 63 -17.46 30.32 -20.88
N ILE A 64 -16.97 31.19 -19.98
CA ILE A 64 -15.96 32.24 -20.38
C ILE A 64 -14.46 31.93 -20.11
N SER A 65 -14.17 31.11 -19.10
CA SER A 65 -12.99 30.26 -19.17
C SER A 65 -13.52 29.20 -20.11
N ARG A 66 -13.82 29.64 -21.33
CA ARG A 66 -14.37 28.77 -22.36
C ARG A 66 -13.38 27.62 -22.53
N VAL A 67 -12.19 27.80 -21.95
CA VAL A 67 -11.28 26.72 -21.56
C VAL A 67 -12.07 25.40 -21.46
N TYR A 68 -13.16 25.45 -20.70
CA TYR A 68 -13.98 24.29 -20.38
C TYR A 68 -15.13 24.05 -21.39
N GLU A 69 -14.93 24.48 -22.65
CA GLU A 69 -15.80 24.09 -23.78
C GLU A 69 -15.06 23.91 -25.12
N ALA A 70 -13.72 24.06 -25.06
CA ALA A 70 -12.81 23.65 -26.15
C ALA A 70 -12.06 22.42 -25.67
N TYR A 71 -11.51 22.54 -24.46
CA TYR A 71 -10.97 21.42 -23.71
C TYR A 71 -11.74 21.31 -22.37
N PRO A 72 -12.92 20.65 -22.39
CA PRO A 72 -13.70 20.60 -21.16
C PRO A 72 -13.12 19.57 -20.19
N GLU A 73 -12.45 18.56 -20.72
CA GLU A 73 -11.75 17.54 -19.91
C GLU A 73 -10.95 18.17 -18.76
N LYS A 74 -10.46 19.39 -18.97
CA LYS A 74 -9.74 20.15 -17.94
C LYS A 74 -10.60 20.51 -16.75
N LYS A 75 -11.87 20.80 -17.03
CA LYS A 75 -12.89 21.14 -16.01
C LYS A 75 -13.09 19.93 -15.05
N ALA A 76 -13.24 18.72 -15.60
CA ALA A 76 -13.43 17.51 -14.80
C ALA A 76 -12.14 17.09 -14.03
N THR A 77 -10.98 17.14 -14.71
CA THR A 77 -9.70 16.82 -14.09
C THR A 77 -9.38 17.80 -12.96
N LEU A 78 -9.52 19.09 -13.22
CA LEU A 78 -9.42 20.04 -12.13
C LEU A 78 -10.31 19.64 -10.91
N TYR A 79 -11.45 18.99 -11.17
CA TYR A 79 -12.42 18.68 -10.11
C TYR A 79 -11.93 17.55 -9.25
N PHE A 80 -11.70 16.41 -9.89
CA PHE A 80 -11.03 15.31 -9.23
C PHE A 80 -9.88 15.84 -8.37
N LEU A 81 -8.83 16.34 -9.02
CA LEU A 81 -7.66 16.90 -8.36
C LEU A 81 -7.92 17.73 -7.09
N VAL A 82 -8.88 18.66 -7.17
CA VAL A 82 -9.10 19.58 -6.06
C VAL A 82 -9.69 18.77 -4.91
N LEU A 83 -10.72 17.98 -5.25
CA LEU A 83 -11.32 16.98 -4.36
C LEU A 83 -10.31 15.98 -3.74
N GLY A 84 -9.41 15.43 -4.58
CA GLY A 84 -8.33 14.54 -4.14
C GLY A 84 -7.46 15.20 -3.09
N PHE A 85 -6.88 16.33 -3.44
CA PHE A 85 -6.04 17.09 -2.50
C PHE A 85 -6.77 17.59 -1.29
N LEU A 86 -8.09 17.62 -1.34
CA LEU A 86 -8.84 18.10 -0.19
C LEU A 86 -9.02 17.03 0.88
N ALA A 87 -9.42 15.84 0.45
CA ALA A 87 -9.34 14.66 1.25
C ALA A 87 -7.92 14.48 1.86
N LEU A 88 -6.87 14.57 1.05
CA LEU A 88 -5.52 14.59 1.58
C LEU A 88 -5.19 15.73 2.61
N ILE A 89 -5.78 16.91 2.53
CA ILE A 89 -5.51 17.83 3.65
C ILE A 89 -6.21 17.37 4.93
N VAL A 90 -7.45 16.92 4.80
CA VAL A 90 -8.19 16.53 5.98
C VAL A 90 -7.61 15.26 6.63
N GLY A 91 -7.45 14.19 5.83
CA GLY A 91 -6.77 12.96 6.27
C GLY A 91 -5.43 13.18 7.00
N SER A 92 -4.57 14.01 6.42
CA SER A 92 -3.21 14.20 6.95
C SER A 92 -3.12 14.94 8.27
N LEU A 93 -4.18 15.68 8.58
CA LEU A 93 -4.29 16.41 9.85
C LEU A 93 -4.15 15.52 11.08
N PHE A 94 -4.67 14.31 11.01
CA PHE A 94 -4.40 13.34 12.07
C PHE A 94 -2.95 12.76 12.05
N GLY A 95 -2.21 12.95 10.95
CA GLY A 95 -0.84 12.40 10.80
C GLY A 95 0.06 12.62 12.02
N PRO A 96 0.40 13.90 12.30
CA PRO A 96 1.40 14.33 13.32
C PRO A 96 0.92 13.97 14.72
N PHE A 97 -0.39 14.05 14.88
CA PHE A 97 -1.01 13.53 16.08
C PHE A 97 -0.70 12.03 16.31
N GLN A 98 -0.88 11.20 15.27
CA GLN A 98 -0.47 9.80 15.26
C GLN A 98 1.07 9.63 15.36
N ALA A 99 1.83 10.49 14.73
CA ALA A 99 3.29 10.48 14.97
C ALA A 99 3.75 10.75 16.42
N LEU A 100 3.15 11.72 17.14
CA LEU A 100 3.72 12.04 18.45
C LEU A 100 3.34 10.94 19.45
N ASN A 101 2.21 10.31 19.12
CA ASN A 101 1.72 9.09 19.77
C ASN A 101 2.70 7.92 19.74
N TYR A 102 3.22 7.59 18.53
CA TYR A 102 4.35 6.65 18.39
C TYR A 102 5.66 7.20 18.94
N GLY A 103 5.68 8.49 19.24
CA GLY A 103 6.76 9.11 20.00
C GLY A 103 6.45 9.11 21.49
N ASN A 104 5.22 8.76 21.87
CA ASN A 104 4.85 8.56 23.31
C ASN A 104 4.46 9.84 24.01
N VAL A 105 4.03 10.81 23.22
CA VAL A 105 3.36 12.00 23.67
C VAL A 105 1.89 11.90 23.24
N ASP A 106 0.96 12.21 24.16
CA ASP A 106 -0.45 12.22 23.83
C ASP A 106 -1.03 13.61 23.50
N ALA A 107 -1.03 14.01 22.22
CA ALA A 107 -1.63 15.29 21.86
C ALA A 107 -3.15 15.27 21.59
N TYR A 108 -3.84 14.20 21.98
CA TYR A 108 -5.26 14.03 21.60
C TYR A 108 -6.25 14.96 22.34
N PRO A 109 -6.01 15.22 23.65
CA PRO A 109 -6.84 16.21 24.33
C PRO A 109 -6.70 17.56 23.66
N LEU A 110 -5.52 17.85 23.09
CA LEU A 110 -5.32 19.08 22.37
C LEU A 110 -6.10 18.95 21.07
N LEU A 111 -5.91 17.90 20.29
CA LEU A 111 -6.74 17.71 19.10
C LEU A 111 -8.22 17.91 19.42
N LYS A 112 -8.78 17.08 20.30
CA LYS A 112 -10.22 17.10 20.61
C LYS A 112 -10.75 18.50 21.00
N ARG A 113 -9.85 19.35 21.49
CA ARG A 113 -10.08 20.80 21.56
C ARG A 113 -10.35 21.29 20.11
N LEU A 114 -9.30 21.68 19.38
CA LEU A 114 -9.35 21.98 17.93
C LEU A 114 -10.51 21.35 17.11
N LEU A 115 -10.82 20.08 17.35
CA LEU A 115 -11.82 19.32 16.55
C LEU A 115 -12.77 18.52 17.43
N PRO A 116 -13.76 19.21 18.05
CA PRO A 116 -14.50 18.52 19.11
C PRO A 116 -15.23 17.24 18.70
N PHE A 117 -15.45 17.05 17.39
CA PHE A 117 -16.27 15.92 16.88
C PHE A 117 -15.62 14.55 17.14
N VAL A 118 -14.29 14.57 17.28
CA VAL A 118 -13.43 13.38 17.39
C VAL A 118 -13.43 12.69 18.79
N GLN A 119 -13.73 11.39 18.82
CA GLN A 119 -13.98 10.62 20.06
C GLN A 119 -12.87 9.68 20.52
N SER A 120 -11.89 9.42 19.64
CA SER A 120 -10.80 8.51 19.96
C SER A 120 -9.74 8.54 18.95
N TYR A 121 -8.56 8.12 19.40
CA TYR A 121 -7.41 7.95 18.58
C TYR A 121 -7.82 7.20 17.35
N TYR A 122 -8.63 6.17 17.53
CA TYR A 122 -8.93 5.22 16.43
C TYR A 122 -9.88 5.76 15.32
N GLN A 123 -10.63 6.83 15.65
CA GLN A 123 -11.51 7.55 14.69
C GLN A 123 -10.61 8.34 13.74
N GLY A 124 -9.74 9.16 14.32
CA GLY A 124 -8.47 9.54 13.68
C GLY A 124 -7.95 8.49 12.72
N LEU A 125 -7.45 7.36 13.23
CA LEU A 125 -6.86 6.38 12.36
C LEU A 125 -7.71 6.06 11.13
N THR A 126 -9.01 5.83 11.31
CA THR A 126 -9.90 5.53 10.14
C THR A 126 -9.99 6.67 9.07
N LEU A 127 -10.03 7.91 9.58
CA LEU A 127 -10.24 9.06 8.73
C LEU A 127 -8.98 9.25 7.98
N HIS A 128 -7.89 9.26 8.73
CA HIS A 128 -6.59 9.20 8.12
C HIS A 128 -6.50 8.13 7.02
N GLY A 129 -6.78 6.88 7.37
CA GLY A 129 -6.74 5.84 6.40
C GLY A 129 -7.61 6.06 5.21
N VAL A 130 -8.93 6.10 5.41
CA VAL A 130 -9.90 6.21 4.30
C VAL A 130 -9.62 7.47 3.49
N LEU A 131 -9.57 8.62 4.17
CA LEU A 131 -9.30 9.88 3.49
C LEU A 131 -7.98 9.93 2.74
N ASN A 132 -6.88 9.46 3.34
CA ASN A 132 -5.54 9.53 2.68
C ASN A 132 -5.35 8.45 1.62
N ALA A 133 -5.57 7.18 1.98
CA ALA A 133 -5.16 6.03 1.14
C ALA A 133 -6.18 5.44 0.16
N ILE A 134 -7.48 5.71 0.37
CA ILE A 134 -8.51 5.21 -0.51
C ILE A 134 -8.98 6.38 -1.38
N VAL A 135 -9.33 7.48 -0.72
CA VAL A 135 -9.95 8.60 -1.41
C VAL A 135 -8.97 9.52 -2.14
N PHE A 136 -7.96 10.08 -1.45
CA PHE A 136 -6.82 10.80 -2.15
C PHE A 136 -6.15 10.08 -3.32
N THR A 137 -5.84 8.80 -3.17
CA THR A 137 -5.14 8.11 -4.24
C THR A 137 -6.01 7.80 -5.47
N GLN A 138 -7.27 7.40 -5.27
CA GLN A 138 -8.12 6.96 -6.42
C GLN A 138 -8.44 8.15 -7.27
N LEU A 139 -8.80 9.23 -6.59
CA LEU A 139 -9.17 10.49 -7.26
C LEU A 139 -7.93 11.02 -7.98
N PHE A 140 -6.74 10.84 -7.43
CA PHE A 140 -5.55 11.20 -8.19
C PHE A 140 -5.36 10.27 -9.43
N ALA A 141 -5.79 9.02 -9.35
CA ALA A 141 -5.62 8.10 -10.49
C ALA A 141 -6.62 8.37 -11.59
N GLN A 142 -7.86 8.63 -11.18
CA GLN A 142 -8.94 9.00 -12.07
C GLN A 142 -8.60 10.29 -12.85
N ALA A 143 -7.95 11.25 -12.19
CA ALA A 143 -7.38 12.42 -12.89
C ALA A 143 -6.34 11.96 -13.93
N ILE A 144 -5.08 11.85 -13.50
CA ILE A 144 -3.95 11.44 -14.34
C ILE A 144 -4.32 10.44 -15.44
N MET A 145 -4.64 9.19 -15.06
CA MET A 145 -4.98 8.08 -15.98
C MET A 145 -6.11 8.22 -17.04
N VAL A 146 -6.81 9.37 -17.02
CA VAL A 146 -7.78 9.76 -18.05
C VAL A 146 -7.23 10.94 -18.84
N TYR A 147 -7.04 12.07 -18.16
CA TYR A 147 -6.54 13.29 -18.77
C TYR A 147 -5.27 13.13 -19.63
N LEU A 148 -4.28 12.38 -19.17
CA LEU A 148 -3.07 12.19 -19.98
C LEU A 148 -3.40 11.41 -21.28
N PRO A 149 -4.05 10.22 -21.16
CA PRO A 149 -4.45 9.50 -22.40
C PRO A 149 -5.18 10.37 -23.43
N ALA A 150 -6.21 11.07 -23.00
CA ALA A 150 -6.98 11.95 -23.86
C ALA A 150 -6.14 13.04 -24.55
N ARG A 151 -5.19 13.64 -23.82
CA ARG A 151 -4.33 14.69 -24.35
C ARG A 151 -3.26 14.15 -25.29
N GLU A 152 -2.62 13.05 -24.96
CA GLU A 152 -1.66 12.47 -25.91
C GLU A 152 -2.35 12.01 -27.22
N LEU A 153 -3.66 11.82 -27.14
CA LEU A 153 -4.43 11.38 -28.30
C LEU A 153 -5.31 12.52 -28.81
N ASN A 154 -5.05 13.75 -28.33
CA ASN A 154 -5.86 14.95 -28.58
C ASN A 154 -7.30 14.59 -28.90
N MET A 155 -8.03 14.18 -27.85
CA MET A 155 -9.38 13.65 -28.00
C MET A 155 -10.23 13.88 -26.77
N ARG A 156 -11.54 13.84 -26.99
CA ARG A 156 -12.51 14.16 -25.97
C ARG A 156 -12.92 12.93 -25.20
N PRO A 157 -12.67 12.93 -23.86
CA PRO A 157 -13.36 11.90 -23.13
C PRO A 157 -14.85 12.29 -23.05
N ASN A 158 -15.73 11.30 -23.20
CA ASN A 158 -17.18 11.45 -23.03
C ASN A 158 -17.49 12.25 -21.76
N MET A 159 -17.68 13.56 -21.92
CA MET A 159 -18.02 14.43 -20.79
C MET A 159 -19.35 14.11 -20.06
N GLY A 160 -20.11 13.16 -20.61
CA GLY A 160 -21.29 12.61 -19.97
C GLY A 160 -20.92 11.54 -18.99
N LEU A 161 -20.30 10.46 -19.48
CA LEU A 161 -19.79 9.43 -18.61
C LEU A 161 -18.75 9.97 -17.59
N MET A 162 -17.89 10.90 -18.05
CA MET A 162 -16.87 11.54 -17.19
C MET A 162 -17.47 12.35 -16.05
N TRP A 163 -18.42 13.22 -16.37
CA TRP A 163 -19.07 14.01 -15.31
C TRP A 163 -19.83 13.16 -14.32
N LEU A 164 -20.28 12.00 -14.80
CA LEU A 164 -20.96 11.00 -13.96
C LEU A 164 -20.03 10.48 -12.85
N SER A 165 -18.84 10.03 -13.27
CA SER A 165 -17.88 9.46 -12.35
C SER A 165 -17.51 10.44 -11.24
N TRP A 166 -17.19 11.68 -11.58
CA TRP A 166 -16.92 12.68 -10.54
C TRP A 166 -18.08 12.78 -9.50
N TRP A 167 -19.33 12.65 -9.97
CA TRP A 167 -20.52 12.72 -9.10
C TRP A 167 -20.80 11.40 -8.33
N MET A 168 -20.47 10.25 -8.94
CA MET A 168 -20.52 9.00 -8.22
C MET A 168 -19.55 9.04 -7.05
N ALA A 169 -18.44 9.75 -7.24
CA ALA A 169 -17.42 9.86 -6.22
C ALA A 169 -17.80 10.90 -5.18
N PHE A 170 -18.36 12.03 -5.62
CA PHE A 170 -18.74 13.05 -4.65
C PHE A 170 -19.89 12.58 -3.74
N ILE A 171 -20.92 11.95 -4.32
CA ILE A 171 -21.97 11.30 -3.53
C ILE A 171 -21.32 10.26 -2.63
N GLY A 172 -20.61 9.31 -3.25
CA GLY A 172 -19.90 8.27 -2.52
C GLY A 172 -19.12 8.77 -1.30
N LEU A 173 -18.13 9.62 -1.53
CA LEU A 173 -17.37 10.19 -0.44
C LEU A 173 -18.29 10.76 0.63
N VAL A 174 -19.29 11.49 0.18
CA VAL A 174 -20.18 12.22 1.09
C VAL A 174 -20.95 11.27 2.00
N VAL A 175 -21.70 10.34 1.41
CA VAL A 175 -22.44 9.31 2.15
C VAL A 175 -21.53 8.63 3.19
N ALA A 176 -20.30 8.25 2.79
CA ALA A 176 -19.37 7.62 3.73
C ALA A 176 -18.92 8.55 4.86
N ALA A 177 -18.41 9.73 4.52
CA ALA A 177 -17.90 10.70 5.49
C ALA A 177 -18.83 10.88 6.74
N LEU A 178 -20.14 10.96 6.51
CA LEU A 178 -21.09 11.25 7.57
C LEU A 178 -21.13 10.26 8.75
N PRO A 179 -21.22 8.92 8.49
CA PRO A 179 -21.11 8.00 9.60
C PRO A 179 -19.72 8.03 10.23
N LEU A 180 -18.67 8.15 9.39
CA LEU A 180 -17.30 8.28 9.89
C LEU A 180 -17.23 9.48 10.86
N LEU A 181 -17.64 10.66 10.39
CA LEU A 181 -17.56 11.85 11.23
C LEU A 181 -18.37 11.66 12.52
N ALA A 182 -19.45 10.90 12.44
CA ALA A 182 -20.31 10.73 13.58
C ALA A 182 -20.04 9.37 14.26
N ASN A 183 -18.77 9.04 14.43
CA ASN A 183 -18.35 7.83 15.17
C ASN A 183 -19.11 6.51 14.96
N GLU A 184 -19.86 6.39 13.87
CA GLU A 184 -20.57 5.14 13.57
C GLU A 184 -19.83 4.07 12.75
N ALA A 185 -18.58 4.34 12.33
CA ALA A 185 -17.86 3.43 11.41
C ALA A 185 -16.35 3.32 11.69
N THR A 186 -16.02 3.30 12.98
CA THR A 186 -14.65 3.24 13.47
C THR A 186 -14.04 1.82 13.35
N VAL A 187 -13.80 1.39 12.10
CA VAL A 187 -13.40 -0.01 11.79
C VAL A 187 -12.07 -0.02 11.02
N LEU A 188 -11.55 1.19 10.82
CA LEU A 188 -10.31 1.42 10.08
C LEU A 188 -10.49 1.19 8.53
N TYR A 189 -9.57 1.71 7.72
CA TYR A 189 -9.56 1.52 6.26
C TYR A 189 -9.64 0.06 5.70
N THR A 190 -9.41 -0.96 6.55
CA THR A 190 -9.63 -2.38 6.11
C THR A 190 -11.03 -2.96 6.47
N PHE A 191 -11.71 -2.28 7.41
CA PHE A 191 -13.03 -2.67 7.94
C PHE A 191 -13.18 -4.20 7.98
N TYR A 192 -12.41 -4.83 8.87
CA TYR A 192 -12.42 -6.25 9.05
C TYR A 192 -13.69 -6.74 9.82
N PRO A 193 -14.55 -7.53 9.12
CA PRO A 193 -15.55 -8.31 9.86
C PRO A 193 -14.91 -9.25 10.92
N PRO A 194 -15.58 -9.48 12.06
CA PRO A 194 -16.91 -8.95 12.44
C PRO A 194 -17.05 -7.61 13.13
N LEU A 195 -16.17 -6.66 12.91
CA LEU A 195 -16.40 -5.29 13.40
C LEU A 195 -17.49 -4.69 12.50
N LYS A 196 -18.49 -3.98 13.04
CA LYS A 196 -19.65 -3.61 12.20
C LYS A 196 -19.94 -2.11 12.07
N GLY A 197 -19.97 -1.61 10.84
CA GLY A 197 -20.22 -0.20 10.63
C GLY A 197 -21.58 0.17 10.06
N HIS A 198 -22.02 1.40 10.30
CA HIS A 198 -23.16 1.99 9.62
C HIS A 198 -23.32 1.55 8.15
N TRP A 199 -24.57 1.28 7.73
CA TRP A 199 -24.86 0.94 6.33
C TRP A 199 -24.27 2.01 5.39
N ALA A 200 -24.40 3.27 5.84
CA ALA A 200 -23.86 4.44 5.10
C ALA A 200 -22.38 4.33 4.61
N PHE A 201 -21.49 3.80 5.49
CA PHE A 201 -20.06 3.59 5.17
C PHE A 201 -19.86 2.65 3.98
N TYR A 202 -20.34 1.41 4.08
CA TYR A 202 -20.22 0.50 2.96
C TYR A 202 -20.95 0.99 1.73
N LEU A 203 -22.14 1.59 1.90
CA LEU A 203 -22.85 2.06 0.69
C LEU A 203 -22.03 3.12 -0.03
N GLY A 204 -21.56 4.12 0.74
CA GLY A 204 -20.58 5.12 0.28
C GLY A 204 -19.41 4.44 -0.40
N ALA A 205 -18.53 3.78 0.38
CA ALA A 205 -17.37 3.02 -0.12
C ALA A 205 -17.61 2.35 -1.47
N SER A 206 -18.63 1.50 -1.53
CA SER A 206 -19.01 0.77 -2.75
C SER A 206 -19.15 1.70 -3.97
N VAL A 207 -20.00 2.71 -3.84
CA VAL A 207 -20.31 3.66 -4.94
C VAL A 207 -19.11 4.53 -5.33
N PHE A 208 -18.31 4.89 -4.33
CA PHE A 208 -17.04 5.56 -4.55
C PHE A 208 -16.12 4.67 -5.37
N VAL A 209 -15.90 3.46 -4.90
CA VAL A 209 -15.07 2.50 -5.61
C VAL A 209 -15.68 2.23 -6.97
N LEU A 210 -17.00 2.35 -7.11
CA LEU A 210 -17.59 2.09 -8.44
C LEU A 210 -17.38 3.21 -9.53
N SER A 211 -17.03 4.42 -9.06
CA SER A 211 -16.58 5.56 -9.91
C SER A 211 -15.47 5.15 -10.88
N THR A 212 -14.57 4.27 -10.44
CA THR A 212 -13.46 3.82 -11.26
C THR A 212 -13.92 2.98 -12.43
N TRP A 213 -15.00 2.22 -12.26
CA TRP A 213 -15.48 1.29 -13.30
C TRP A 213 -15.94 2.10 -14.54
N VAL A 214 -16.56 3.25 -14.30
CA VAL A 214 -16.98 4.20 -15.33
C VAL A 214 -15.74 4.72 -16.00
N SER A 215 -14.81 5.21 -15.17
CA SER A 215 -13.44 5.67 -15.60
C SER A 215 -12.83 4.64 -16.55
N ILE A 216 -12.85 3.35 -16.16
CA ILE A 216 -12.41 2.20 -17.00
C ILE A 216 -12.94 2.25 -18.43
N TYR A 217 -14.27 2.41 -18.51
CA TYR A 217 -15.00 2.45 -19.76
C TYR A 217 -14.58 3.67 -20.59
N ILE A 218 -14.66 4.87 -19.99
CA ILE A 218 -14.14 6.14 -20.56
C ILE A 218 -12.75 6.04 -21.25
N VAL A 219 -11.77 5.48 -20.57
CA VAL A 219 -10.47 5.30 -21.19
C VAL A 219 -10.57 4.26 -22.29
N LEU A 220 -11.26 3.16 -22.02
CA LEU A 220 -11.42 2.14 -23.07
C LEU A 220 -12.15 2.75 -24.29
N ASP A 221 -13.11 3.63 -24.01
CA ASP A 221 -13.84 4.38 -25.04
C ASP A 221 -12.87 5.10 -25.99
N LEU A 222 -12.11 6.04 -25.43
CA LEU A 222 -11.06 6.78 -26.13
C LEU A 222 -10.06 5.84 -26.82
N TRP A 223 -9.75 4.69 -26.22
CA TRP A 223 -8.86 3.75 -26.87
C TRP A 223 -9.44 3.22 -28.18
N ARG A 224 -10.70 2.81 -28.12
CA ARG A 224 -11.41 2.20 -29.26
C ARG A 224 -11.61 3.13 -30.49
N ARG A 225 -11.80 4.42 -30.21
CA ARG A 225 -12.04 5.46 -31.20
C ARG A 225 -10.78 5.93 -31.93
N TRP A 226 -9.67 6.07 -31.19
CA TRP A 226 -8.37 6.36 -31.79
C TRP A 226 -7.89 5.24 -32.73
N LYS A 227 -8.14 3.98 -32.38
CA LYS A 227 -7.76 2.84 -33.25
C LYS A 227 -8.47 2.83 -34.65
N ALA A 228 -9.81 2.89 -34.63
CA ALA A 228 -10.60 2.99 -35.87
C ALA A 228 -10.13 4.16 -36.78
N ALA A 229 -9.88 5.33 -36.20
CA ALA A 229 -9.43 6.50 -36.94
C ALA A 229 -7.99 6.36 -37.39
N ASN A 230 -7.30 5.31 -36.93
CA ASN A 230 -5.85 5.19 -37.11
C ASN A 230 -5.37 3.76 -37.35
N PRO A 231 -6.07 2.97 -38.19
CA PRO A 231 -5.81 1.52 -38.20
C PRO A 231 -4.38 1.19 -38.67
N GLY A 232 -3.85 0.03 -38.25
CA GLY A 232 -2.44 -0.28 -38.53
C GLY A 232 -1.48 0.34 -37.53
N LYS A 233 -1.84 1.50 -36.99
CA LYS A 233 -1.03 2.20 -35.99
C LYS A 233 -1.00 1.53 -34.57
N VAL A 234 0.22 1.24 -34.10
CA VAL A 234 0.52 0.74 -32.75
C VAL A 234 0.00 1.72 -31.69
N THR A 235 -0.47 1.20 -30.55
CA THR A 235 -0.94 2.03 -29.42
C THR A 235 0.17 2.92 -28.84
N PRO A 236 -0.04 4.24 -28.85
CA PRO A 236 0.86 5.24 -28.26
C PRO A 236 1.02 5.18 -26.69
N LEU A 237 2.22 5.52 -26.20
CA LEU A 237 2.71 5.10 -24.85
C LEU A 237 1.82 5.34 -23.62
N VAL A 238 1.57 6.60 -23.28
CA VAL A 238 0.70 6.96 -22.16
C VAL A 238 -0.58 6.15 -22.22
N THR A 239 -1.19 6.11 -23.40
CA THR A 239 -2.45 5.40 -23.67
C THR A 239 -2.38 3.93 -23.38
N TYR A 240 -1.31 3.29 -23.83
CA TYR A 240 -1.09 1.88 -23.56
C TYR A 240 -1.00 1.64 -22.05
N MET A 241 -0.18 2.43 -21.40
CA MET A 241 -0.12 2.38 -19.96
C MET A 241 -1.51 2.40 -19.40
N ALA A 242 -2.19 3.51 -19.60
CA ALA A 242 -3.51 3.75 -19.01
C ALA A 242 -4.47 2.62 -19.33
N VAL A 243 -4.29 2.04 -20.51
CA VAL A 243 -5.16 0.97 -20.95
C VAL A 243 -4.94 -0.23 -20.08
N VAL A 244 -3.72 -0.72 -19.95
CA VAL A 244 -3.53 -1.89 -19.06
C VAL A 244 -3.80 -1.58 -17.55
N PHE A 245 -3.42 -0.38 -17.12
CA PHE A 245 -3.73 0.07 -15.79
C PHE A 245 -5.22 -0.13 -15.50
N TRP A 246 -6.06 0.48 -16.33
CA TRP A 246 -7.49 0.43 -16.11
C TRP A 246 -8.07 -0.98 -16.19
N LEU A 247 -7.37 -1.84 -16.94
CA LEU A 247 -7.71 -3.25 -17.08
C LEU A 247 -7.38 -4.04 -15.85
N MET A 248 -6.18 -3.82 -15.31
CA MET A 248 -5.72 -4.41 -14.05
C MET A 248 -6.73 -4.12 -12.96
N TRP A 249 -6.95 -2.84 -12.71
CA TRP A 249 -7.87 -2.35 -11.70
C TRP A 249 -9.28 -2.94 -11.76
N PHE A 250 -9.76 -3.28 -12.96
CA PHE A 250 -11.08 -3.98 -13.09
C PHE A 250 -11.03 -5.41 -12.55
N LEU A 251 -10.04 -6.17 -13.04
CA LEU A 251 -9.78 -7.53 -12.60
C LEU A 251 -9.51 -7.57 -11.10
N ALA A 252 -8.62 -6.70 -10.67
CA ALA A 252 -8.31 -6.61 -9.25
C ALA A 252 -9.52 -6.25 -8.40
N SER A 253 -10.37 -5.33 -8.85
CA SER A 253 -11.48 -4.81 -8.03
C SER A 253 -12.64 -5.82 -7.79
N LEU A 254 -12.51 -7.02 -8.34
CA LEU A 254 -13.56 -8.03 -8.22
C LEU A 254 -13.72 -8.43 -6.78
N GLY A 255 -12.59 -8.77 -6.14
CA GLY A 255 -12.55 -9.07 -4.70
C GLY A 255 -13.35 -8.09 -3.86
N LEU A 256 -12.94 -6.83 -3.77
CA LEU A 256 -13.68 -5.87 -2.94
C LEU A 256 -15.14 -5.82 -3.32
N VAL A 257 -15.42 -5.84 -4.62
CA VAL A 257 -16.83 -5.74 -5.11
C VAL A 257 -17.80 -6.88 -4.67
N LEU A 258 -17.33 -8.13 -4.74
CA LEU A 258 -18.02 -9.29 -4.18
C LEU A 258 -18.24 -9.15 -2.67
N GLU A 259 -17.14 -8.93 -1.94
CA GLU A 259 -17.18 -8.74 -0.51
C GLU A 259 -18.24 -7.70 -0.07
N ALA A 260 -18.32 -6.58 -0.80
CA ALA A 260 -19.42 -5.64 -0.50
C ALA A 260 -20.79 -6.25 -0.83
N VAL A 261 -21.00 -6.64 -2.10
CA VAL A 261 -22.32 -7.09 -2.57
C VAL A 261 -22.78 -8.38 -1.91
N LEU A 262 -21.97 -9.44 -2.01
CA LEU A 262 -22.28 -10.70 -1.35
C LEU A 262 -22.40 -10.58 0.20
N PHE A 263 -21.59 -9.74 0.85
CA PHE A 263 -21.58 -9.76 2.32
C PHE A 263 -21.81 -8.42 3.01
N LEU A 264 -20.91 -7.46 2.83
CA LEU A 264 -20.94 -6.21 3.61
C LEU A 264 -22.23 -5.43 3.52
N LEU A 265 -22.79 -5.37 2.30
CA LEU A 265 -24.05 -4.63 2.10
C LEU A 265 -25.28 -5.24 2.84
N PRO A 266 -25.57 -6.55 2.61
CA PRO A 266 -26.70 -7.19 3.29
C PRO A 266 -26.59 -7.13 4.83
N TRP A 267 -25.44 -7.55 5.33
CA TRP A 267 -25.08 -7.50 6.73
C TRP A 267 -25.38 -6.15 7.38
N SER A 268 -24.76 -5.08 6.89
CA SER A 268 -24.95 -3.78 7.55
C SER A 268 -26.37 -3.20 7.36
N PHE A 269 -27.15 -3.75 6.43
CA PHE A 269 -28.53 -3.30 6.22
C PHE A 269 -29.51 -4.01 7.20
N GLY A 270 -29.17 -5.26 7.58
CA GLY A 270 -30.05 -6.16 8.32
C GLY A 270 -30.40 -7.45 7.56
N LEU A 271 -30.33 -7.40 6.23
CA LEU A 271 -30.60 -8.57 5.37
C LEU A 271 -30.02 -9.93 5.82
N VAL A 272 -28.90 -9.93 6.53
CA VAL A 272 -28.39 -11.13 7.17
C VAL A 272 -27.78 -10.80 8.49
N GLU A 273 -27.33 -11.87 9.15
CA GLU A 273 -27.00 -11.89 10.56
C GLU A 273 -25.50 -11.80 10.83
N GLY A 274 -24.70 -12.58 10.08
CA GLY A 274 -23.23 -12.46 10.11
C GLY A 274 -22.46 -12.68 8.80
N VAL A 275 -21.14 -12.56 8.89
CA VAL A 275 -20.20 -12.78 7.79
C VAL A 275 -19.13 -13.74 8.25
N ASP A 276 -18.60 -14.53 7.31
CA ASP A 276 -17.46 -15.39 7.60
C ASP A 276 -16.20 -14.51 7.53
N PRO A 277 -15.48 -14.34 8.66
CA PRO A 277 -14.34 -13.43 8.63
C PRO A 277 -13.17 -13.85 7.70
N LEU A 278 -12.91 -15.14 7.52
CA LEU A 278 -11.87 -15.59 6.60
C LEU A 278 -12.22 -15.24 5.14
N VAL A 279 -13.40 -15.63 4.65
CA VAL A 279 -13.78 -15.16 3.30
C VAL A 279 -13.70 -13.65 3.19
N ALA A 280 -14.33 -12.90 4.09
CA ALA A 280 -14.27 -11.40 4.06
C ALA A 280 -12.86 -10.90 3.86
N ARG A 281 -11.93 -11.40 4.66
CA ARG A 281 -10.60 -10.89 4.51
C ARG A 281 -9.90 -11.39 3.23
N THR A 282 -10.35 -12.51 2.68
CA THR A 282 -9.76 -13.09 1.46
C THR A 282 -10.23 -12.40 0.16
N LEU A 283 -11.46 -11.93 0.18
CA LEU A 283 -11.92 -11.08 -0.92
C LEU A 283 -11.27 -9.69 -0.83
N PHE A 284 -11.27 -9.12 0.37
CA PHE A 284 -10.62 -7.86 0.59
C PHE A 284 -9.18 -7.82 0.03
N TRP A 285 -8.37 -8.82 0.35
CA TRP A 285 -6.96 -8.75 -0.05
C TRP A 285 -6.73 -9.19 -1.49
N TRP A 286 -7.76 -9.73 -2.14
CA TRP A 286 -7.71 -9.99 -3.58
C TRP A 286 -7.57 -8.61 -4.19
N THR A 287 -8.45 -7.72 -3.77
CA THR A 287 -8.35 -6.34 -4.22
C THR A 287 -7.16 -5.65 -3.54
N GLY A 288 -7.06 -5.80 -2.21
CA GLY A 288 -6.19 -5.04 -1.33
C GLY A 288 -4.72 -5.02 -1.71
N HIS A 289 -4.18 -6.00 -2.41
CA HIS A 289 -2.83 -5.77 -2.85
C HIS A 289 -2.79 -4.88 -4.09
N PRO A 290 -3.34 -5.37 -5.21
CA PRO A 290 -3.12 -4.57 -6.40
C PRO A 290 -3.63 -3.13 -6.28
N ILE A 291 -4.59 -2.85 -5.39
CA ILE A 291 -4.92 -1.48 -5.09
C ILE A 291 -3.67 -0.61 -4.72
N VAL A 292 -2.55 -1.26 -4.33
CA VAL A 292 -1.38 -0.44 -4.00
C VAL A 292 -0.77 -0.07 -5.34
N TYR A 293 -0.82 -1.01 -6.31
CA TYR A 293 -0.35 -0.76 -7.67
C TYR A 293 -1.26 0.17 -8.49
N PHE A 294 -2.54 0.17 -8.17
CA PHE A 294 -3.46 1.21 -8.65
C PHE A 294 -3.07 2.60 -8.12
N TRP A 295 -2.48 2.71 -6.90
CA TRP A 295 -1.84 3.99 -6.41
C TRP A 295 -0.45 4.31 -6.98
N LEU A 296 0.38 3.29 -7.06
CA LEU A 296 1.73 3.48 -7.59
C LEU A 296 1.76 3.95 -9.08
N LEU A 297 0.92 3.38 -9.95
CA LEU A 297 1.14 3.54 -11.41
C LEU A 297 0.80 4.89 -12.03
N PRO A 298 -0.20 5.62 -11.50
CA PRO A 298 -0.28 7.02 -11.87
C PRO A 298 1.05 7.79 -11.77
N ALA A 299 1.73 7.66 -10.62
CA ALA A 299 3.06 8.25 -10.40
C ALA A 299 4.01 7.70 -11.38
N TYR A 300 3.96 6.40 -11.63
CA TYR A 300 4.93 5.80 -12.52
C TYR A 300 4.75 6.36 -13.93
N ALA A 301 3.49 6.65 -14.29
CA ALA A 301 3.08 7.10 -15.64
C ALA A 301 3.68 8.48 -15.78
N ILE A 302 3.34 9.37 -14.86
CA ILE A 302 4.02 10.65 -14.75
C ILE A 302 5.56 10.60 -14.80
N ILE A 303 6.19 9.60 -14.16
CA ILE A 303 7.66 9.50 -13.98
C ILE A 303 8.39 8.98 -15.20
N TYR A 304 7.69 8.15 -15.98
CA TYR A 304 8.26 7.52 -17.17
C TYR A 304 8.27 8.47 -18.37
N THR A 305 7.19 9.26 -18.45
CA THR A 305 6.83 9.88 -19.69
C THR A 305 6.69 11.37 -19.51
N ILE A 306 6.73 11.86 -18.27
CA ILE A 306 6.74 13.30 -18.06
C ILE A 306 8.01 13.80 -17.37
N LEU A 307 8.54 13.08 -16.38
CA LEU A 307 9.61 13.67 -15.59
C LEU A 307 10.99 13.83 -16.29
N PRO A 308 11.39 12.93 -17.24
CA PRO A 308 12.72 13.13 -17.86
C PRO A 308 12.76 14.45 -18.63
N LYS A 309 11.60 14.88 -19.17
CA LYS A 309 11.41 16.21 -19.73
C LYS A 309 11.59 17.35 -18.72
N GLN A 310 10.90 17.29 -17.57
CA GLN A 310 11.18 18.27 -16.50
C GLN A 310 12.67 18.23 -16.20
N ALA A 311 13.31 17.06 -16.31
CA ALA A 311 14.75 16.93 -15.98
C ALA A 311 15.63 17.53 -17.03
N GLY A 312 15.04 17.75 -18.21
CA GLY A 312 15.76 18.22 -19.38
C GLY A 312 16.28 17.09 -20.25
N GLY A 313 15.60 15.94 -20.23
CA GLY A 313 16.15 14.75 -20.87
C GLY A 313 15.19 13.99 -21.73
N ARG A 314 15.47 12.71 -21.91
CA ARG A 314 14.57 11.82 -22.65
C ARG A 314 14.31 10.52 -21.92
N LEU A 315 13.14 9.93 -22.17
CA LEU A 315 12.88 8.54 -21.79
C LEU A 315 13.82 7.63 -22.59
N VAL A 316 14.70 6.93 -21.91
CA VAL A 316 15.63 6.10 -22.64
C VAL A 316 15.01 4.91 -23.36
N SER A 317 13.79 4.52 -22.97
CA SER A 317 13.12 3.36 -23.57
C SER A 317 11.58 3.26 -23.46
N ASP A 318 10.94 3.19 -24.64
CA ASP A 318 9.51 2.91 -24.82
C ASP A 318 9.21 1.47 -24.38
N PRO A 319 9.84 0.45 -25.01
CA PRO A 319 9.57 -0.95 -24.60
C PRO A 319 9.59 -1.19 -23.07
N MET A 320 10.62 -0.66 -22.40
CA MET A 320 10.87 -0.94 -20.99
C MET A 320 9.74 -0.40 -20.16
N ALA A 321 9.40 0.87 -20.36
CA ALA A 321 8.22 1.46 -19.80
C ALA A 321 7.06 0.54 -20.05
N ARG A 322 6.98 -0.05 -21.25
CA ARG A 322 5.79 -0.86 -21.61
C ARG A 322 5.88 -2.19 -20.95
N LEU A 323 7.07 -2.79 -20.98
CA LEU A 323 7.26 -4.09 -20.36
C LEU A 323 6.93 -4.02 -18.86
N ALA A 324 7.39 -2.96 -18.18
CA ALA A 324 6.98 -2.71 -16.79
C ALA A 324 5.45 -2.83 -16.60
N PHE A 325 4.70 -2.04 -17.35
CA PHE A 325 3.28 -1.98 -17.16
C PHE A 325 2.54 -3.26 -17.53
N LEU A 326 3.04 -4.01 -18.52
CA LEU A 326 2.45 -5.30 -18.83
C LEU A 326 2.63 -6.22 -17.65
N LEU A 327 3.83 -6.23 -17.08
CA LEU A 327 4.08 -6.98 -15.85
C LEU A 327 3.15 -6.65 -14.68
N PHE A 328 2.90 -5.38 -14.41
CA PHE A 328 1.91 -5.04 -13.36
C PHE A 328 0.52 -5.60 -13.65
N LEU A 329 0.13 -5.61 -14.93
CA LEU A 329 -1.07 -6.36 -15.38
C LEU A 329 -1.09 -7.89 -15.14
N LEU A 330 0.01 -8.60 -15.24
CA LEU A 330 -0.06 -10.03 -14.96
C LEU A 330 -0.03 -10.32 -13.48
N LEU A 331 0.81 -9.60 -12.73
CA LEU A 331 1.15 -10.02 -11.33
C LEU A 331 0.60 -9.20 -10.18
N SER A 332 -0.14 -8.15 -10.47
CA SER A 332 -0.67 -7.30 -9.43
C SER A 332 -1.74 -7.96 -8.57
N THR A 333 -2.56 -8.84 -9.20
CA THR A 333 -3.75 -9.43 -8.51
C THR A 333 -3.58 -10.74 -7.76
N PRO A 334 -2.78 -11.69 -8.29
CA PRO A 334 -2.79 -13.02 -7.65
C PRO A 334 -1.72 -13.11 -6.53
N VAL A 335 -1.71 -12.17 -5.62
CA VAL A 335 -0.59 -12.15 -4.68
C VAL A 335 -1.07 -11.94 -3.25
N GLY A 336 -2.36 -11.64 -3.13
CA GLY A 336 -3.04 -11.35 -1.88
C GLY A 336 -2.71 -12.13 -0.63
N PHE A 337 -2.18 -13.36 -0.68
CA PHE A 337 -1.90 -14.09 0.58
C PHE A 337 -0.60 -13.62 1.25
N HIS A 338 0.13 -12.66 0.66
CA HIS A 338 1.29 -12.08 1.36
C HIS A 338 0.77 -11.21 2.53
N HIS A 339 -0.45 -10.72 2.36
CA HIS A 339 -1.27 -10.12 3.42
C HIS A 339 -1.88 -11.12 4.40
N GLN A 340 -1.83 -12.42 4.10
CA GLN A 340 -2.50 -13.35 4.96
C GLN A 340 -1.59 -14.44 5.50
N PHE A 341 -0.26 -14.26 5.42
CA PHE A 341 0.73 -15.26 5.90
C PHE A 341 0.39 -15.77 7.33
N ALA A 342 -0.21 -14.91 8.15
CA ALA A 342 -0.46 -15.30 9.49
C ALA A 342 -1.95 -15.52 9.78
N ASP A 343 -2.72 -15.81 8.74
CA ASP A 343 -4.11 -16.28 8.89
C ASP A 343 -4.20 -17.81 9.08
N PRO A 344 -5.24 -18.30 9.78
CA PRO A 344 -5.56 -19.71 9.85
C PRO A 344 -6.49 -20.13 8.68
N GLY A 345 -6.43 -21.39 8.25
CA GLY A 345 -7.35 -21.87 7.25
C GLY A 345 -6.97 -21.55 5.83
N ILE A 346 -5.72 -21.24 5.58
CA ILE A 346 -5.27 -21.03 4.19
C ILE A 346 -4.04 -21.84 4.05
N ASP A 347 -4.02 -22.65 3.02
CA ASP A 347 -3.00 -23.66 2.97
C ASP A 347 -1.58 -23.07 2.81
N PRO A 348 -0.64 -23.54 3.65
CA PRO A 348 0.75 -23.13 3.59
C PRO A 348 1.32 -23.20 2.19
N THR A 349 0.88 -24.17 1.39
CA THR A 349 1.40 -24.32 0.04
C THR A 349 0.98 -23.14 -0.83
N TRP A 350 -0.25 -22.66 -0.63
CA TRP A 350 -0.77 -21.47 -1.32
C TRP A 350 -0.22 -20.13 -0.87
N LYS A 351 0.52 -20.12 0.25
CA LYS A 351 1.24 -18.98 0.74
C LYS A 351 2.61 -18.88 0.01
N MET A 352 3.24 -20.03 -0.17
CA MET A 352 4.51 -20.06 -0.86
C MET A 352 4.38 -19.60 -2.33
N ILE A 353 3.27 -19.95 -2.98
CA ILE A 353 3.11 -19.62 -4.39
C ILE A 353 2.87 -18.11 -4.48
N HIS A 354 2.05 -17.60 -3.56
CA HIS A 354 1.79 -16.18 -3.53
C HIS A 354 3.10 -15.49 -3.11
N SER A 355 3.84 -16.14 -2.22
CA SER A 355 5.18 -15.65 -1.90
C SER A 355 5.98 -15.50 -3.14
N VAL A 356 6.28 -16.61 -3.82
CA VAL A 356 6.97 -16.54 -5.12
C VAL A 356 6.38 -15.45 -6.05
N LEU A 357 5.06 -15.47 -6.21
CA LEU A 357 4.45 -14.52 -7.14
C LEU A 357 4.66 -13.03 -6.74
N THR A 358 4.74 -12.73 -5.43
CA THR A 358 4.93 -11.34 -4.96
C THR A 358 6.35 -10.94 -5.33
N LEU A 359 7.29 -11.87 -5.13
CA LEU A 359 8.65 -11.60 -5.44
C LEU A 359 8.83 -11.34 -6.93
N PHE A 360 8.03 -12.01 -7.77
CA PHE A 360 8.03 -11.64 -9.18
C PHE A 360 7.43 -10.23 -9.45
N VAL A 361 6.49 -9.77 -8.63
CA VAL A 361 5.87 -8.45 -8.87
C VAL A 361 6.86 -7.35 -8.59
N ALA A 362 7.92 -7.68 -7.87
CA ALA A 362 8.95 -6.68 -7.54
C ALA A 362 9.73 -6.43 -8.74
N VAL A 363 9.77 -7.37 -9.70
CA VAL A 363 10.70 -7.30 -10.86
C VAL A 363 10.48 -6.11 -11.83
N PRO A 364 9.21 -5.82 -12.22
CA PRO A 364 8.98 -4.64 -13.07
C PRO A 364 9.44 -3.37 -12.43
N SER A 365 9.62 -3.42 -11.11
CA SER A 365 9.95 -2.24 -10.33
C SER A 365 11.46 -2.12 -10.16
N LEU A 366 12.17 -3.25 -10.11
CA LEU A 366 13.65 -3.21 -10.20
C LEU A 366 14.10 -2.66 -11.55
N MET A 367 13.43 -3.08 -12.63
CA MET A 367 13.58 -2.53 -13.98
C MET A 367 13.41 -1.02 -14.00
N THR A 368 12.19 -0.55 -13.63
CA THR A 368 11.91 0.86 -13.44
C THR A 368 13.08 1.58 -12.84
N ALA A 369 13.62 1.08 -11.74
CA ALA A 369 14.78 1.72 -11.10
C ALA A 369 15.91 2.00 -12.08
N PHE A 370 16.29 1.01 -12.88
CA PHE A 370 17.31 1.21 -13.88
C PHE A 370 16.94 2.16 -15.05
N THR A 371 15.79 1.98 -15.69
CA THR A 371 15.35 2.90 -16.74
C THR A 371 15.29 4.35 -16.30
N VAL A 372 14.68 4.61 -15.15
CA VAL A 372 14.52 5.99 -14.65
C VAL A 372 15.91 6.55 -14.27
N ALA A 373 16.68 5.78 -13.50
CA ALA A 373 18.02 6.20 -13.15
C ALA A 373 18.80 6.56 -14.38
N ALA A 374 18.70 5.77 -15.44
CA ALA A 374 19.44 6.10 -16.69
C ALA A 374 18.89 7.36 -17.41
N SER A 375 17.58 7.57 -17.37
CA SER A 375 16.98 8.74 -17.96
C SER A 375 17.48 9.99 -17.26
N LEU A 376 17.49 10.02 -15.91
CA LEU A 376 18.01 11.16 -15.11
C LEU A 376 19.53 11.33 -15.33
N GLU A 377 20.25 10.23 -15.44
CA GLU A 377 21.65 10.31 -15.74
C GLU A 377 21.94 10.97 -17.11
N PHE A 378 21.25 10.52 -18.17
CA PHE A 378 21.42 11.06 -19.51
C PHE A 378 21.18 12.58 -19.46
N ALA A 379 20.03 13.00 -18.99
CA ALA A 379 19.72 14.42 -18.87
C ALA A 379 20.83 15.22 -18.10
N GLY A 380 21.22 14.68 -16.92
CA GLY A 380 22.32 15.20 -16.14
C GLY A 380 23.49 15.47 -17.05
N ARG A 381 24.02 14.42 -17.65
CA ARG A 381 25.16 14.56 -18.59
C ARG A 381 24.92 15.71 -19.59
N LEU A 382 23.82 15.67 -20.36
CA LEU A 382 23.37 16.78 -21.25
C LEU A 382 23.41 18.23 -20.64
N ARG A 383 23.21 18.38 -19.32
CA ARG A 383 23.42 19.68 -18.71
C ARG A 383 24.82 19.78 -18.06
N GLY A 384 25.83 19.41 -18.86
CA GLY A 384 27.21 19.54 -18.47
C GLY A 384 27.55 18.69 -17.28
N GLY A 385 26.74 17.64 -17.09
CA GLY A 385 26.77 16.71 -15.99
C GLY A 385 28.08 16.02 -15.77
N ARG A 386 28.72 16.51 -14.75
CA ARG A 386 30.13 16.47 -14.52
C ARG A 386 30.85 15.10 -14.54
N GLY A 387 31.06 14.40 -13.42
CA GLY A 387 31.81 13.11 -13.39
C GLY A 387 30.93 11.87 -13.15
N LEU A 388 31.32 10.98 -12.21
CA LEU A 388 30.43 9.87 -11.71
C LEU A 388 29.17 10.34 -11.02
N PHE A 389 29.25 11.46 -10.30
CA PHE A 389 28.06 11.99 -9.63
C PHE A 389 27.70 13.40 -10.09
N GLY A 390 28.57 13.96 -10.93
CA GLY A 390 28.28 15.20 -11.63
C GLY A 390 26.84 15.37 -12.11
N TRP A 391 26.20 14.30 -12.57
CA TRP A 391 24.93 14.39 -13.26
C TRP A 391 23.76 14.73 -12.32
N ILE A 392 23.93 14.31 -11.06
CA ILE A 392 22.94 14.53 -10.03
C ILE A 392 22.80 16.03 -9.75
N ARG A 393 23.92 16.75 -9.76
CA ARG A 393 23.87 18.16 -9.42
C ARG A 393 23.49 19.04 -10.61
N ALA A 394 23.39 18.47 -11.82
CA ALA A 394 22.98 19.17 -13.05
C ALA A 394 21.48 19.20 -13.26
N LEU A 395 20.80 18.39 -12.48
CA LEU A 395 19.40 18.23 -12.67
C LEU A 395 18.77 19.48 -12.09
N PRO A 396 17.58 19.81 -12.52
CA PRO A 396 16.86 21.04 -12.11
C PRO A 396 16.40 21.15 -10.63
N TRP A 397 17.32 21.23 -9.66
CA TRP A 397 16.98 21.12 -8.20
C TRP A 397 16.14 22.26 -7.64
N ASP A 398 15.69 23.14 -8.54
CA ASP A 398 14.99 24.36 -8.16
C ASP A 398 13.57 24.36 -8.80
N ASN A 399 13.13 23.19 -9.24
CA ASN A 399 11.84 22.97 -9.79
C ASN A 399 11.19 21.86 -8.92
N PRO A 400 10.19 22.24 -8.12
CA PRO A 400 9.40 21.31 -7.33
C PRO A 400 8.71 20.21 -8.21
N ALA A 401 8.44 20.54 -9.46
CA ALA A 401 7.97 19.52 -10.39
C ALA A 401 8.98 18.38 -10.48
N PHE A 402 10.27 18.68 -10.32
CA PHE A 402 11.28 17.66 -10.53
C PHE A 402 11.67 17.10 -9.19
N VAL A 403 11.83 17.99 -8.21
CA VAL A 403 12.32 17.55 -6.91
C VAL A 403 11.41 16.49 -6.27
N ALA A 404 10.15 16.82 -6.13
CA ALA A 404 9.20 15.90 -5.53
C ALA A 404 9.36 14.40 -5.96
N PRO A 405 9.06 14.10 -7.25
CA PRO A 405 9.16 12.67 -7.61
C PRO A 405 10.57 12.11 -7.50
N VAL A 406 11.62 12.94 -7.62
CA VAL A 406 12.99 12.43 -7.41
C VAL A 406 13.29 12.11 -5.94
N LEU A 407 12.92 13.01 -5.01
CA LEU A 407 13.08 12.67 -3.61
C LEU A 407 12.24 11.41 -3.25
N GLY A 408 11.01 11.32 -3.75
CA GLY A 408 10.22 10.11 -3.50
C GLY A 408 10.88 8.83 -4.01
N LEU A 409 11.68 8.93 -5.08
CA LEU A 409 12.29 7.73 -5.69
C LEU A 409 13.32 7.16 -4.79
N LEU A 410 14.08 8.07 -4.12
CA LEU A 410 15.10 7.80 -3.07
C LEU A 410 14.52 7.10 -1.82
N GLY A 411 13.54 7.70 -1.17
CA GLY A 411 12.77 6.97 -0.13
C GLY A 411 12.24 5.61 -0.60
N PHE A 412 11.89 5.49 -1.88
CA PHE A 412 11.43 4.22 -2.43
C PHE A 412 12.54 3.14 -2.42
N ILE A 413 13.82 3.51 -2.30
CA ILE A 413 14.84 2.46 -2.14
C ILE A 413 14.61 1.62 -0.82
N PRO A 414 14.83 2.20 0.40
CA PRO A 414 14.48 1.33 1.54
C PRO A 414 13.01 0.76 1.53
N GLY A 415 12.04 1.45 0.91
CA GLY A 415 10.62 1.01 1.05
C GLY A 415 10.42 -0.33 0.30
N GLY A 416 10.85 -0.33 -0.95
CA GLY A 416 10.84 -1.54 -1.72
C GLY A 416 11.65 -2.61 -1.02
N ALA A 417 12.80 -2.25 -0.46
CA ALA A 417 13.54 -3.28 0.36
C ALA A 417 12.64 -3.86 1.53
N GLY A 418 11.84 -3.03 2.22
CA GLY A 418 10.98 -3.53 3.29
C GLY A 418 9.91 -4.48 2.74
N GLY A 419 9.35 -4.12 1.57
CA GLY A 419 8.43 -5.04 0.88
C GLY A 419 9.02 -6.43 0.67
N ILE A 420 10.25 -6.46 0.18
CA ILE A 420 10.84 -7.74 -0.10
C ILE A 420 10.90 -8.66 1.13
N VAL A 421 11.38 -8.14 2.26
CA VAL A 421 11.28 -8.87 3.50
C VAL A 421 9.76 -9.31 3.64
N ASN A 422 8.85 -8.32 3.66
CA ASN A 422 7.44 -8.59 3.97
C ASN A 422 7.00 -9.77 3.12
N ALA A 423 7.39 -9.73 1.86
CA ALA A 423 6.93 -10.73 0.89
C ALA A 423 7.38 -12.14 1.19
N SER A 424 8.40 -12.31 2.03
CA SER A 424 9.11 -13.56 2.07
C SER A 424 8.53 -14.57 3.04
N PHE A 425 7.20 -14.73 3.04
CA PHE A 425 6.53 -15.75 3.84
C PHE A 425 6.89 -15.66 5.32
N THR A 426 7.86 -16.50 5.71
CA THR A 426 8.21 -16.70 7.11
C THR A 426 8.86 -15.49 7.78
N LEU A 427 9.64 -14.71 7.02
CA LEU A 427 10.15 -13.44 7.55
C LEU A 427 9.00 -12.50 7.98
N ASP A 428 7.82 -12.65 7.38
CA ASP A 428 6.77 -11.75 7.76
C ASP A 428 6.36 -11.96 9.25
N TYR A 429 6.60 -13.17 9.81
CA TYR A 429 6.30 -13.46 11.20
C TYR A 429 7.09 -12.55 12.11
N VAL A 430 8.26 -12.08 11.68
CA VAL A 430 8.98 -11.09 12.49
C VAL A 430 8.26 -9.70 12.56
N VAL A 431 7.67 -9.30 11.46
CA VAL A 431 7.32 -7.91 11.37
C VAL A 431 5.84 -7.72 11.23
N HIS A 432 5.08 -8.72 10.83
CA HIS A 432 3.65 -8.56 10.59
C HIS A 432 2.93 -7.84 11.75
N ASN A 433 2.03 -6.89 11.40
CA ASN A 433 1.22 -6.17 12.41
C ASN A 433 2.04 -5.35 13.46
N THR A 434 3.36 -5.21 13.28
CA THR A 434 4.09 -4.23 14.05
C THR A 434 4.13 -2.86 13.34
N ALA A 435 4.83 -1.91 13.95
CA ALA A 435 5.10 -0.57 13.38
C ALA A 435 5.95 -0.60 12.07
N TRP A 436 6.48 -1.75 11.72
CA TRP A 436 7.34 -1.82 10.59
C TRP A 436 6.44 -1.62 9.37
N VAL A 437 5.22 -2.14 9.45
CA VAL A 437 4.44 -2.17 8.24
C VAL A 437 4.14 -0.73 7.89
N PRO A 438 3.52 0.06 8.80
CA PRO A 438 3.43 1.50 8.49
C PRO A 438 4.75 2.26 8.19
N GLY A 439 5.84 1.80 8.77
CA GLY A 439 7.16 2.25 8.38
C GLY A 439 7.32 2.12 6.90
N HIS A 440 7.30 0.89 6.37
CA HIS A 440 7.39 0.59 4.91
C HIS A 440 6.41 1.40 4.02
N PHE A 441 5.12 1.40 4.29
CA PHE A 441 4.20 1.97 3.29
C PHE A 441 4.12 3.49 3.31
N HIS A 442 4.53 4.10 4.41
CA HIS A 442 4.72 5.55 4.40
C HIS A 442 5.80 5.98 3.40
N LEU A 443 6.89 5.21 3.27
CA LEU A 443 7.89 5.38 2.19
C LEU A 443 7.36 5.14 0.76
N GLN A 444 6.29 4.36 0.64
CA GLN A 444 5.76 3.93 -0.67
C GLN A 444 4.63 4.85 -1.10
N VAL A 445 3.46 4.68 -0.46
CA VAL A 445 2.34 5.58 -0.74
C VAL A 445 2.56 7.03 -0.29
N ALA A 446 3.15 7.30 0.86
CA ALA A 446 2.94 8.70 1.38
C ALA A 446 4.14 9.65 1.08
N SER A 447 5.14 9.08 0.43
CA SER A 447 6.33 9.79 0.02
C SER A 447 6.26 9.72 -1.49
N LEU A 448 6.59 8.57 -2.12
CA LEU A 448 6.54 8.50 -3.59
C LEU A 448 5.20 9.01 -4.18
N VAL A 449 4.11 8.25 -4.00
CA VAL A 449 2.86 8.65 -4.66
C VAL A 449 2.51 10.10 -4.29
N THR A 450 2.37 10.37 -3.00
CA THR A 450 2.00 11.72 -2.62
C THR A 450 2.99 12.74 -3.18
N LEU A 451 4.32 12.53 -3.08
CA LEU A 451 5.24 13.55 -3.55
C LEU A 451 5.04 13.75 -5.04
N THR A 452 4.97 12.67 -5.80
CA THR A 452 4.56 12.85 -7.19
C THR A 452 3.24 13.67 -7.40
N ALA A 453 2.18 13.44 -6.62
CA ALA A 453 1.01 14.33 -6.71
C ALA A 453 1.33 15.80 -6.36
N MET A 454 2.13 16.01 -5.31
CA MET A 454 2.39 17.38 -4.83
C MET A 454 3.19 18.18 -5.82
N GLY A 455 4.29 17.59 -6.29
CA GLY A 455 5.19 18.33 -7.13
C GLY A 455 4.62 18.53 -8.51
N SER A 456 3.45 17.94 -8.75
CA SER A 456 2.79 17.99 -10.05
C SER A 456 1.68 19.01 -10.07
N LEU A 457 1.55 19.72 -8.96
CA LEU A 457 0.76 20.94 -8.88
C LEU A 457 1.36 22.04 -9.76
N TYR A 458 2.67 21.90 -10.04
CA TYR A 458 3.48 22.93 -10.68
C TYR A 458 3.47 22.82 -12.20
N TRP A 459 3.16 21.66 -12.75
CA TRP A 459 2.82 21.63 -14.17
C TRP A 459 1.31 21.55 -14.44
N LEU A 460 0.64 20.55 -13.86
CA LEU A 460 -0.78 20.30 -14.15
C LEU A 460 -1.69 21.52 -13.90
N LEU A 461 -1.54 22.16 -12.74
CA LEU A 461 -2.39 23.31 -12.42
C LEU A 461 -2.24 24.47 -13.40
N PRO A 462 -1.00 24.96 -13.64
CA PRO A 462 -0.88 25.87 -14.79
C PRO A 462 -1.69 25.40 -16.00
N ASN A 463 -1.42 24.17 -16.45
CA ASN A 463 -1.99 23.61 -17.67
C ASN A 463 -3.50 23.45 -17.63
N LEU A 464 -4.09 23.58 -16.46
CA LEU A 464 -5.53 23.40 -16.32
C LEU A 464 -6.35 24.67 -16.05
N THR A 465 -5.67 25.71 -15.55
CA THR A 465 -6.33 26.92 -15.08
C THR A 465 -5.67 28.21 -15.59
N GLY A 466 -4.50 28.07 -16.18
CA GLY A 466 -3.71 29.22 -16.57
C GLY A 466 -3.21 30.09 -15.45
N LYS A 467 -3.35 29.65 -14.19
CA LYS A 467 -2.62 30.34 -13.14
C LYS A 467 -1.13 30.01 -13.32
N PRO A 468 -0.27 31.05 -13.43
CA PRO A 468 1.15 30.71 -13.46
C PRO A 468 1.62 30.51 -12.02
N ILE A 469 2.77 29.86 -11.85
CA ILE A 469 3.34 29.74 -10.51
C ILE A 469 4.25 30.92 -10.39
N SER A 470 4.14 31.71 -9.32
CA SER A 470 5.06 32.85 -9.14
C SER A 470 6.45 32.35 -8.78
N ASP A 471 7.27 33.21 -8.19
CA ASP A 471 8.56 32.71 -7.74
C ASP A 471 8.60 32.51 -6.22
N ALA A 472 7.72 33.21 -5.51
CA ALA A 472 7.54 33.06 -4.07
C ALA A 472 6.83 31.75 -3.82
N GLN A 473 5.98 31.35 -4.76
CA GLN A 473 5.30 30.08 -4.67
C GLN A 473 6.19 28.86 -4.96
N ARG A 474 6.95 28.93 -6.07
CA ARG A 474 8.00 27.97 -6.43
C ARG A 474 8.87 27.67 -5.20
N ARG A 475 9.29 28.71 -4.48
CA ARG A 475 10.11 28.52 -3.27
C ARG A 475 9.37 27.88 -2.07
N LEU A 476 8.07 28.17 -1.94
CA LEU A 476 7.22 27.50 -0.98
C LEU A 476 7.16 26.01 -1.34
N GLY A 477 6.89 25.74 -2.61
CA GLY A 477 6.91 24.37 -3.12
C GLY A 477 8.13 23.59 -2.66
N LEU A 478 9.31 24.14 -2.87
CA LEU A 478 10.53 23.51 -2.39
C LEU A 478 10.57 23.35 -0.86
N ALA A 479 10.13 24.34 -0.08
CA ALA A 479 10.21 24.12 1.38
C ALA A 479 9.27 22.99 1.87
N VAL A 480 8.18 22.75 1.15
CA VAL A 480 7.24 21.70 1.50
C VAL A 480 7.90 20.36 1.19
N VAL A 481 8.12 20.16 -0.10
CA VAL A 481 8.72 19.00 -0.67
C VAL A 481 9.95 18.53 0.13
N TRP A 482 10.90 19.40 0.42
CA TRP A 482 12.05 19.00 1.28
C TRP A 482 11.67 18.71 2.73
N LEU A 483 10.71 19.45 3.28
CA LEU A 483 10.29 19.17 4.67
C LEU A 483 9.50 17.89 4.71
N TRP A 484 8.63 17.72 3.71
CA TRP A 484 7.84 16.50 3.61
C TRP A 484 8.70 15.29 3.53
N PHE A 485 9.64 15.28 2.57
CA PHE A 485 10.62 14.21 2.48
C PHE A 485 11.39 13.98 3.78
N LEU A 486 12.13 15.00 4.26
CA LEU A 486 12.97 14.82 5.50
C LEU A 486 12.17 14.29 6.70
N GLY A 487 10.89 14.69 6.81
CA GLY A 487 9.97 14.20 7.82
C GLY A 487 9.55 12.77 7.54
N MET A 488 9.13 12.45 6.32
CA MET A 488 8.94 11.02 5.97
C MET A 488 10.15 10.12 6.33
N MET A 489 11.39 10.55 6.08
CA MET A 489 12.51 9.62 6.28
C MET A 489 12.69 9.38 7.76
N ILE A 490 12.62 10.46 8.55
CA ILE A 490 12.84 10.35 9.98
C ILE A 490 11.73 9.48 10.59
N MET A 491 10.52 9.51 10.04
CA MET A 491 9.44 8.70 10.62
C MET A 491 9.69 7.24 10.25
N ALA A 492 10.33 7.00 9.09
CA ALA A 492 10.57 5.65 8.61
C ALA A 492 11.47 4.93 9.57
N VAL A 493 12.53 5.60 9.99
CA VAL A 493 13.48 4.98 10.90
C VAL A 493 12.84 4.63 12.25
N GLY A 494 12.16 5.59 12.84
CA GLY A 494 11.51 5.38 14.13
C GLY A 494 10.48 4.27 14.14
N LEU A 495 9.79 4.06 13.03
CA LEU A 495 8.77 3.03 12.96
C LEU A 495 9.32 1.68 12.50
N HIS A 496 10.37 1.67 11.66
CA HIS A 496 11.02 0.40 11.31
C HIS A 496 11.65 -0.23 12.58
N TRP A 497 12.42 0.60 13.27
CA TRP A 497 13.07 0.26 14.48
C TRP A 497 12.04 -0.06 15.60
N ALA A 498 11.04 0.79 15.79
CA ALA A 498 10.08 0.56 16.87
C ALA A 498 9.42 -0.80 16.66
N GLY A 499 9.23 -1.14 15.38
CA GLY A 499 8.53 -2.36 15.02
C GLY A 499 9.43 -3.57 15.16
N LEU A 500 10.74 -3.36 14.92
CA LEU A 500 11.72 -4.45 15.19
C LEU A 500 11.85 -4.69 16.69
N LEU A 501 11.40 -3.74 17.52
CA LEU A 501 11.28 -3.88 18.97
C LEU A 501 9.89 -4.38 19.37
N ASN A 502 9.06 -4.78 18.43
CA ASN A 502 7.79 -5.39 18.81
C ASN A 502 6.60 -4.47 19.12
N VAL A 503 6.66 -3.18 18.77
CA VAL A 503 5.56 -2.24 19.06
C VAL A 503 4.44 -2.40 18.02
N PRO A 504 3.26 -2.77 18.48
CA PRO A 504 2.14 -3.06 17.59
C PRO A 504 1.79 -1.88 16.69
N ARG A 505 1.23 -2.15 15.53
CA ARG A 505 0.59 -1.08 14.80
C ARG A 505 -0.85 -0.81 15.30
N ARG A 506 -1.44 0.25 14.79
CA ARG A 506 -2.86 0.53 15.06
C ARG A 506 -3.14 0.70 16.56
N ALA A 507 -2.23 1.35 17.28
CA ALA A 507 -2.39 1.40 18.72
C ALA A 507 -2.12 2.77 19.32
N TYR A 508 -3.10 3.21 20.14
CA TYR A 508 -2.91 4.37 21.05
C TYR A 508 -1.80 4.10 22.11
N ILE A 509 -0.56 3.86 21.68
CA ILE A 509 0.48 3.44 22.62
C ILE A 509 0.83 4.53 23.63
N ALA A 510 0.62 5.78 23.28
CA ALA A 510 0.81 6.87 24.23
C ALA A 510 0.00 6.65 25.51
N GLN A 511 -1.14 5.96 25.44
CA GLN A 511 -1.93 5.66 26.65
C GLN A 511 -1.29 4.62 27.61
N VAL A 512 -0.24 3.95 27.15
CA VAL A 512 0.44 2.97 27.98
C VAL A 512 1.93 3.35 27.99
N PRO A 513 2.25 4.56 28.53
CA PRO A 513 3.58 5.15 28.37
C PRO A 513 4.68 4.28 28.90
N ASP A 514 4.37 3.44 29.89
CA ASP A 514 5.36 2.57 30.49
C ASP A 514 5.54 1.24 29.75
N ALA A 515 4.76 1.02 28.69
CA ALA A 515 4.66 -0.31 28.06
C ALA A 515 5.82 -0.73 27.12
N TYR A 516 6.35 0.12 26.23
CA TYR A 516 7.51 -0.34 25.38
C TYR A 516 8.80 0.41 25.66
N PRO A 517 9.39 0.23 26.86
CA PRO A 517 10.57 1.09 27.15
C PRO A 517 11.82 0.82 26.27
N HIS A 518 11.96 -0.33 25.63
CA HIS A 518 13.08 -0.50 24.73
C HIS A 518 12.98 0.47 23.54
N ALA A 519 11.75 0.95 23.27
CA ALA A 519 11.50 1.83 22.12
C ALA A 519 11.82 3.33 22.34
N ALA A 520 12.50 3.65 23.44
CA ALA A 520 12.71 5.04 23.82
C ALA A 520 13.30 5.95 22.74
N VAL A 521 14.41 5.54 22.12
CA VAL A 521 15.03 6.44 21.15
C VAL A 521 14.30 6.44 19.80
N PRO A 522 13.94 5.25 19.25
CA PRO A 522 13.13 5.45 18.08
C PRO A 522 11.88 6.28 18.40
N MET A 523 11.46 6.36 19.66
CA MET A 523 10.32 7.25 20.00
C MET A 523 10.72 8.70 19.92
N VAL A 524 12.01 8.98 20.09
CA VAL A 524 12.51 10.34 19.95
C VAL A 524 12.48 10.70 18.48
N PHE A 525 12.67 9.72 17.60
CA PHE A 525 12.64 9.96 16.16
C PHE A 525 11.22 10.23 15.71
N ASN A 526 10.24 9.58 16.32
CA ASN A 526 8.82 9.80 15.93
C ASN A 526 8.28 11.15 16.35
N VAL A 527 8.52 11.58 17.60
CA VAL A 527 8.23 13.00 18.01
C VAL A 527 8.90 14.02 17.03
N LEU A 528 10.20 13.88 16.88
CA LEU A 528 10.94 14.74 16.00
C LEU A 528 10.35 14.91 14.59
N ALA A 529 9.66 13.88 14.09
CA ALA A 529 8.97 13.90 12.77
C ALA A 529 7.52 14.44 12.75
N GLY A 530 6.78 14.24 13.81
CA GLY A 530 5.48 14.91 14.00
C GLY A 530 5.59 16.43 13.85
N ILE A 531 6.55 17.04 14.55
CA ILE A 531 6.76 18.50 14.48
C ILE A 531 7.16 18.89 13.03
N VAL A 532 8.20 18.21 12.48
CA VAL A 532 8.66 18.45 11.08
C VAL A 532 7.51 18.23 10.05
N LEU A 533 6.84 17.09 10.09
CA LEU A 533 5.65 17.00 9.24
C LEU A 533 4.43 17.90 9.60
N LEU A 534 4.33 18.46 10.84
CA LEU A 534 3.26 19.47 11.15
C LEU A 534 3.49 20.72 10.29
N VAL A 535 4.75 21.16 10.29
CA VAL A 535 5.16 22.38 9.62
C VAL A 535 4.95 22.21 8.12
N ALA A 536 5.46 21.10 7.60
CA ALA A 536 5.25 20.75 6.18
C ALA A 536 3.78 20.78 5.69
N LEU A 537 2.87 20.33 6.54
CA LEU A 537 1.45 20.16 6.15
C LEU A 537 0.78 21.53 6.10
N LEU A 538 0.99 22.30 7.18
CA LEU A 538 0.60 23.70 7.31
C LEU A 538 1.16 24.61 6.18
N LEU A 539 2.47 24.52 5.90
CA LEU A 539 3.06 25.22 4.74
C LEU A 539 2.53 24.71 3.41
N PHE A 540 1.87 23.56 3.40
CA PHE A 540 1.33 23.01 2.17
C PHE A 540 -0.08 23.57 1.96
N ILE A 541 -0.86 23.67 3.05
CA ILE A 541 -2.19 24.31 3.00
C ILE A 541 -2.07 25.79 2.57
N TYR A 542 -1.30 26.60 3.30
CA TYR A 542 -1.11 28.02 2.96
C TYR A 542 -0.54 28.25 1.56
N GLY A 543 -0.43 27.20 0.78
CA GLY A 543 0.25 27.28 -0.49
C GLY A 543 -0.54 26.60 -1.55
N LEU A 544 -1.15 25.46 -1.20
CA LEU A 544 -2.09 24.87 -2.13
C LEU A 544 -3.12 25.95 -2.40
N PHE A 545 -3.66 26.55 -1.33
CA PHE A 545 -4.68 27.57 -1.48
C PHE A 545 -4.13 28.87 -2.05
N SER A 546 -2.87 29.19 -1.76
CA SER A 546 -2.26 30.35 -2.38
C SER A 546 -1.97 30.20 -3.89
N VAL A 547 -1.86 28.98 -4.40
CA VAL A 547 -1.70 28.74 -5.84
C VAL A 547 -3.05 28.82 -6.55
N LEU A 548 -4.12 28.60 -5.77
CA LEU A 548 -5.48 28.51 -6.31
C LEU A 548 -6.21 29.83 -6.19
N LEU A 549 -6.31 30.34 -4.96
CA LEU A 549 -7.11 31.54 -4.61
C LEU A 549 -6.50 32.89 -5.01
N SER A 550 -5.25 32.88 -5.49
CA SER A 550 -4.65 34.04 -6.14
C SER A 550 -5.59 34.55 -7.25
N ARG A 551 -5.48 35.82 -7.62
CA ARG A 551 -6.35 36.37 -8.68
C ARG A 551 -5.62 36.69 -9.97
N GLU A 552 -4.70 35.80 -10.35
CA GLU A 552 -4.02 35.86 -11.65
C GLU A 552 -4.43 34.68 -12.54
N ARG A 553 -4.52 34.93 -13.83
CA ARG A 553 -4.70 33.89 -14.83
C ARG A 553 -4.00 34.38 -16.09
N LYS A 554 -2.90 33.72 -16.46
CA LYS A 554 -2.13 34.02 -17.69
C LYS A 554 -2.01 32.79 -18.64
N PRO A 555 -3.16 32.17 -19.00
CA PRO A 555 -3.26 30.87 -19.73
C PRO A 555 -2.82 30.68 -21.22
N GLU A 556 -1.65 31.15 -21.64
CA GLU A 556 -1.01 30.63 -22.86
C GLU A 556 -0.41 29.28 -22.45
N LEU A 557 0.35 29.38 -21.35
CA LEU A 557 0.61 28.33 -20.37
C LEU A 557 -0.44 27.21 -20.18
N ALA A 558 -1.72 27.51 -20.39
CA ALA A 558 -2.84 26.63 -19.99
C ALA A 558 -3.53 25.78 -21.07
N GLU A 559 -3.02 25.83 -22.29
CA GLU A 559 -3.49 24.92 -23.33
C GLU A 559 -2.30 24.01 -23.50
N ALA A 560 -1.27 24.61 -24.08
CA ALA A 560 0.12 24.31 -23.81
C ALA A 560 0.41 22.89 -23.27
N PRO A 561 0.54 21.90 -24.19
CA PRO A 561 0.67 20.47 -23.88
C PRO A 561 1.61 20.07 -22.76
N LEU A 562 1.08 19.16 -21.95
CA LEU A 562 1.76 18.46 -20.90
C LEU A 562 3.15 18.14 -21.38
N PRO A 563 4.19 18.51 -20.59
CA PRO A 563 5.56 18.25 -21.04
C PRO A 563 5.81 16.77 -21.21
N PHE A 564 5.22 16.15 -22.22
CA PHE A 564 5.50 14.76 -22.50
C PHE A 564 6.96 14.67 -22.93
N ALA A 565 7.52 13.46 -22.91
CA ALA A 565 8.97 13.30 -23.06
C ALA A 565 9.36 12.66 -24.40
N GLU A 566 10.35 13.20 -25.06
CA GLU A 566 10.82 12.47 -26.22
C GLU A 566 11.43 11.17 -25.70
N VAL A 567 11.44 10.17 -26.58
CA VAL A 567 11.95 8.85 -26.28
C VAL A 567 13.14 8.62 -27.20
N ILE A 568 14.29 8.27 -26.65
CA ILE A 568 15.37 7.69 -27.43
C ILE A 568 14.87 6.42 -28.13
N SER A 569 14.62 6.52 -29.43
CA SER A 569 14.12 5.37 -30.19
C SER A 569 15.24 4.32 -30.35
N GLY A 570 14.99 3.27 -31.13
CA GLY A 570 16.04 2.28 -31.44
C GLY A 570 15.57 1.15 -32.35
N PRO A 571 16.53 0.33 -32.87
CA PRO A 571 16.20 -0.88 -33.67
C PRO A 571 15.28 -1.92 -32.94
N GLU A 572 15.76 -2.56 -31.88
CA GLU A 572 15.05 -3.68 -31.25
C GLU A 572 13.64 -3.38 -30.73
N ASP A 573 13.13 -2.19 -31.06
CA ASP A 573 11.75 -1.79 -30.77
C ASP A 573 10.78 -2.59 -31.65
N ARG A 574 9.84 -1.91 -32.29
CA ARG A 574 8.92 -2.53 -33.26
C ARG A 574 8.34 -3.94 -33.01
N ARG A 575 9.10 -5.01 -33.23
CA ARG A 575 8.51 -6.37 -33.02
C ARG A 575 8.22 -6.68 -31.55
N LEU A 576 8.95 -6.02 -30.64
CA LEU A 576 8.65 -6.15 -29.21
C LEU A 576 7.48 -5.28 -28.77
N VAL A 577 7.46 -4.02 -29.18
CA VAL A 577 6.32 -3.14 -28.90
C VAL A 577 5.04 -3.71 -29.51
N LEU A 578 5.19 -4.44 -30.62
CA LEU A 578 4.09 -5.09 -31.33
C LEU A 578 3.49 -6.24 -30.51
N ALA A 579 4.34 -7.03 -29.84
CA ALA A 579 3.86 -8.16 -28.99
C ALA A 579 3.11 -7.68 -27.74
N MET A 580 3.74 -6.83 -26.93
CA MET A 580 3.08 -6.20 -25.77
C MET A 580 1.74 -5.50 -26.07
N ASP A 581 1.57 -5.07 -27.31
CA ASP A 581 0.34 -4.47 -27.80
C ASP A 581 -0.72 -5.52 -28.16
N ARG A 582 -0.34 -6.82 -28.14
CA ARG A 582 -1.27 -7.96 -28.18
C ARG A 582 -2.12 -8.01 -26.90
N ILE A 583 -3.00 -7.01 -26.76
CA ILE A 583 -3.64 -6.66 -25.44
C ILE A 583 -4.64 -7.66 -24.89
N GLY A 584 -5.70 -7.93 -25.67
CA GLY A 584 -6.74 -8.96 -25.40
C GLY A 584 -6.18 -10.31 -24.98
N PHE A 585 -5.08 -10.73 -25.59
CA PHE A 585 -4.34 -11.90 -25.14
C PHE A 585 -3.87 -11.79 -23.69
N TRP A 586 -3.07 -10.78 -23.36
CA TRP A 586 -2.54 -10.69 -21.99
C TRP A 586 -3.63 -10.41 -20.95
N PHE A 587 -4.64 -9.61 -21.28
CA PHE A 587 -5.78 -9.34 -20.37
C PHE A 587 -6.43 -10.61 -19.92
N ALA A 588 -6.53 -11.56 -20.86
CA ALA A 588 -7.07 -12.87 -20.58
C ALA A 588 -6.12 -13.73 -19.77
N VAL A 589 -4.83 -13.69 -20.07
CA VAL A 589 -3.81 -14.34 -19.24
C VAL A 589 -3.92 -13.80 -17.77
N ALA A 590 -4.22 -12.50 -17.66
CA ALA A 590 -4.39 -11.85 -16.36
C ALA A 590 -5.48 -12.58 -15.62
N ALA A 591 -6.65 -12.73 -16.25
CA ALA A 591 -7.78 -13.51 -15.67
C ALA A 591 -7.45 -14.98 -15.42
N ILE A 592 -6.64 -15.61 -16.27
CA ILE A 592 -6.36 -17.04 -16.04
C ILE A 592 -5.53 -17.18 -14.77
N LEU A 593 -4.52 -16.33 -14.66
CA LEU A 593 -3.66 -16.26 -13.44
C LEU A 593 -4.38 -15.95 -12.10
N VAL A 594 -5.28 -14.95 -12.08
CA VAL A 594 -6.18 -14.69 -10.93
C VAL A 594 -6.95 -15.96 -10.64
N VAL A 595 -7.61 -16.51 -11.67
CA VAL A 595 -8.43 -17.74 -11.52
C VAL A 595 -7.65 -18.92 -10.89
N LEU A 596 -6.40 -19.19 -11.30
CA LEU A 596 -5.64 -20.28 -10.70
C LEU A 596 -5.17 -19.92 -9.31
N ALA A 597 -4.87 -18.65 -9.05
CA ALA A 597 -4.34 -18.23 -7.74
C ALA A 597 -5.36 -18.25 -6.62
N TYR A 598 -6.53 -17.68 -6.86
CA TYR A 598 -7.59 -17.58 -5.88
C TYR A 598 -8.64 -18.71 -5.91
N GLY A 599 -8.49 -19.66 -6.86
CA GLY A 599 -9.53 -20.61 -7.29
C GLY A 599 -9.79 -21.76 -6.33
N PRO A 600 -8.79 -22.67 -6.17
CA PRO A 600 -8.84 -23.78 -5.19
C PRO A 600 -9.16 -23.36 -3.72
N THR A 601 -8.65 -22.20 -3.28
CA THR A 601 -8.88 -21.70 -1.93
C THR A 601 -10.27 -21.14 -1.76
N LEU A 602 -10.66 -20.21 -2.61
CA LEU A 602 -12.05 -19.71 -2.56
C LEU A 602 -13.13 -20.81 -2.71
N VAL A 603 -12.85 -21.83 -3.53
CA VAL A 603 -13.79 -22.96 -3.70
C VAL A 603 -13.98 -23.67 -2.37
N GLN A 604 -12.85 -24.01 -1.73
CA GLN A 604 -12.83 -24.55 -0.36
C GLN A 604 -13.68 -23.71 0.58
N LEU A 605 -13.31 -22.46 0.76
CA LEU A 605 -13.94 -21.64 1.78
C LEU A 605 -15.41 -21.27 1.55
N PHE A 606 -15.83 -21.26 0.29
CA PHE A 606 -17.21 -20.85 -0.04
C PHE A 606 -18.24 -21.96 0.24
N GLY A 607 -17.74 -23.17 0.51
CA GLY A 607 -18.55 -24.26 1.02
C GLY A 607 -18.25 -24.59 2.48
N HIS A 608 -17.72 -23.63 3.25
CA HIS A 608 -17.57 -23.79 4.72
C HIS A 608 -17.92 -22.49 5.42
N LEU A 609 -18.81 -21.71 4.80
CA LEU A 609 -19.20 -20.37 5.29
C LEU A 609 -19.69 -20.45 6.71
N ASN A 610 -19.11 -19.68 7.60
CA ASN A 610 -19.34 -19.86 9.01
C ASN A 610 -19.56 -18.46 9.58
N PRO A 611 -20.70 -17.84 9.23
CA PRO A 611 -20.86 -16.41 9.55
C PRO A 611 -21.05 -16.22 11.03
N VAL A 612 -20.62 -15.08 11.55
CA VAL A 612 -20.62 -14.83 12.99
C VAL A 612 -21.23 -13.44 13.25
N PRO A 613 -21.73 -13.21 14.48
CA PRO A 613 -22.34 -11.90 14.73
C PRO A 613 -21.38 -10.72 14.62
N GLY A 614 -21.90 -9.63 14.05
CA GLY A 614 -21.19 -8.35 14.07
C GLY A 614 -21.12 -7.78 15.48
N TRP A 615 -20.01 -7.11 15.78
CA TRP A 615 -19.90 -6.37 17.03
C TRP A 615 -19.55 -4.93 16.70
N ARG A 616 -19.89 -4.04 17.63
CA ARG A 616 -19.35 -2.68 17.69
C ARG A 616 -18.50 -2.52 18.99
N LEU A 617 -17.18 -2.42 18.88
CA LEU A 617 -16.35 -2.30 20.09
C LEU A 617 -15.68 -0.92 20.32
N TRP A 618 -16.46 0.12 20.08
CA TRP A 618 -16.03 1.51 20.23
C TRP A 618 -17.29 2.36 20.47
N ASP B 1 25.56 7.56 -29.87
CA ASP B 1 25.48 8.62 -28.83
C ASP B 1 24.11 9.32 -28.90
N GLN B 2 23.14 8.76 -28.15
CA GLN B 2 21.68 9.03 -28.25
C GLN B 2 20.94 8.02 -29.17
N HIS B 3 21.70 7.13 -29.81
CA HIS B 3 21.16 5.91 -30.39
C HIS B 3 22.14 4.77 -30.09
N LYS B 4 23.44 5.09 -30.03
CA LYS B 4 24.43 4.20 -29.38
C LYS B 4 24.10 4.07 -27.89
N ALA B 5 23.64 5.18 -27.30
CA ALA B 5 23.16 5.19 -25.94
C ALA B 5 22.15 4.06 -25.77
N HIS B 6 21.15 4.04 -26.65
CA HIS B 6 20.11 3.01 -26.64
C HIS B 6 20.70 1.61 -26.64
N LYS B 7 21.50 1.28 -27.67
CA LYS B 7 22.04 -0.08 -27.85
C LYS B 7 22.72 -0.68 -26.61
N ALA B 8 23.57 0.12 -25.96
CA ALA B 8 24.13 -0.21 -24.64
C ALA B 8 22.98 -0.44 -23.62
N ILE B 9 22.63 0.60 -22.86
CA ILE B 9 21.45 0.66 -21.99
C ILE B 9 20.41 -0.50 -22.11
N LEU B 10 19.89 -0.82 -23.30
CA LEU B 10 19.02 -2.02 -23.40
C LEU B 10 19.72 -3.41 -23.17
N ALA B 11 21.04 -3.49 -23.30
CA ALA B 11 21.84 -4.69 -22.85
C ALA B 11 22.00 -4.78 -21.31
N TYR B 12 21.98 -3.63 -20.66
CA TYR B 12 22.14 -3.51 -19.21
C TYR B 12 20.84 -3.92 -18.60
N GLU B 13 19.78 -3.36 -19.15
CA GLU B 13 18.43 -3.80 -18.85
C GLU B 13 18.42 -5.36 -18.73
N LYS B 14 19.08 -6.05 -19.66
CA LYS B 14 19.16 -7.53 -19.68
C LYS B 14 19.96 -8.12 -18.54
N GLY B 15 21.15 -7.55 -18.32
CA GLY B 15 22.03 -7.98 -17.22
C GLY B 15 21.52 -7.69 -15.82
N TRP B 16 20.87 -6.54 -15.63
CA TRP B 16 20.24 -6.20 -14.38
C TRP B 16 19.04 -7.09 -14.11
N LEU B 17 18.27 -7.43 -15.15
CA LEU B 17 17.13 -8.34 -14.95
C LEU B 17 17.59 -9.78 -14.67
N ALA B 18 18.74 -10.19 -15.24
CA ALA B 18 19.32 -11.52 -15.00
C ALA B 18 19.81 -11.63 -13.56
N PHE B 19 20.77 -10.77 -13.18
CA PHE B 19 21.16 -10.62 -11.77
C PHE B 19 19.96 -10.55 -10.77
N SER B 20 18.94 -9.79 -11.12
CA SER B 20 17.77 -9.62 -10.25
C SER B 20 17.02 -10.91 -10.02
N LEU B 21 16.71 -11.62 -11.12
CA LEU B 21 16.07 -12.94 -11.04
C LEU B 21 16.92 -13.87 -10.19
N ALA B 22 18.25 -13.87 -10.43
CA ALA B 22 19.16 -14.71 -9.62
C ALA B 22 18.98 -14.45 -8.13
N MET B 23 19.28 -13.21 -7.67
CA MET B 23 19.16 -12.81 -6.24
C MET B 23 17.80 -13.15 -5.62
N LEU B 24 16.74 -12.86 -6.37
CA LEU B 24 15.40 -13.22 -6.01
C LEU B 24 15.20 -14.70 -5.70
N PHE B 25 15.78 -15.57 -6.53
CA PHE B 25 15.64 -17.03 -6.38
C PHE B 25 16.45 -17.59 -5.19
N VAL B 26 17.66 -17.05 -4.96
CA VAL B 26 18.43 -17.29 -3.72
C VAL B 26 17.56 -16.97 -2.48
N PHE B 27 16.72 -15.95 -2.61
CA PHE B 27 15.82 -15.63 -1.52
C PHE B 27 14.76 -16.70 -1.38
N ILE B 28 14.17 -17.09 -2.51
CA ILE B 28 13.26 -18.23 -2.56
C ILE B 28 13.94 -19.46 -1.94
N ALA B 29 15.22 -19.64 -2.26
CA ALA B 29 16.00 -20.74 -1.68
C ALA B 29 15.96 -20.68 -0.17
N LEU B 30 16.31 -19.53 0.43
CA LEU B 30 16.59 -19.47 1.87
C LEU B 30 15.28 -19.42 2.71
N ILE B 31 14.19 -18.93 2.09
CA ILE B 31 12.84 -19.20 2.62
C ILE B 31 12.68 -20.73 2.66
N ALA B 32 12.81 -21.39 1.50
CA ALA B 32 12.68 -22.88 1.38
C ALA B 32 13.36 -23.59 2.54
N TYR B 33 14.66 -23.34 2.72
CA TYR B 33 15.33 -23.79 3.89
C TYR B 33 14.44 -23.65 5.18
N THR B 34 13.81 -22.50 5.41
CA THR B 34 13.15 -22.34 6.70
C THR B 34 11.93 -23.29 6.89
N LEU B 35 11.22 -23.60 5.80
CA LEU B 35 10.00 -24.41 5.88
C LEU B 35 10.29 -25.87 6.26
N ALA B 36 11.54 -26.28 6.02
CA ALA B 36 12.01 -27.63 6.32
C ALA B 36 12.47 -27.78 7.79
N THR B 37 13.02 -26.73 8.40
CA THR B 37 13.38 -26.71 9.82
C THR B 37 12.19 -26.67 10.76
N HIS B 38 12.51 -26.70 12.06
CA HIS B 38 11.54 -26.61 13.16
C HIS B 38 10.84 -25.24 13.19
N THR B 39 11.57 -24.17 12.86
CA THR B 39 11.11 -22.78 12.81
C THR B 39 9.82 -22.63 12.00
N ALA B 40 9.63 -23.48 10.99
CA ALA B 40 8.38 -23.51 10.24
C ALA B 40 7.13 -23.80 11.13
N GLY B 41 7.36 -24.10 12.41
CA GLY B 41 6.27 -24.47 13.35
C GLY B 41 5.21 -23.38 13.61
N VAL B 42 5.66 -22.11 13.51
CA VAL B 42 4.85 -20.91 13.64
C VAL B 42 3.88 -20.72 12.49
N ILE B 43 4.04 -21.45 11.38
CA ILE B 43 3.09 -21.27 10.29
C ILE B 43 1.75 -21.91 10.66
N PRO B 44 0.67 -21.12 10.68
CA PRO B 44 -0.67 -21.68 10.91
C PRO B 44 -1.02 -22.90 10.06
N ALA B 45 -1.78 -23.80 10.65
CA ALA B 45 -2.26 -24.99 9.96
C ALA B 45 -3.27 -24.69 8.81
N GLY B 46 -3.15 -25.48 7.75
CA GLY B 46 -4.14 -25.53 6.68
C GLY B 46 -5.57 -25.71 7.19
N LYS B 47 -5.85 -26.80 7.90
CA LYS B 47 -7.22 -27.27 8.00
C LYS B 47 -8.19 -26.31 8.66
N LEU B 48 -9.33 -26.08 8.01
CA LEU B 48 -10.45 -25.31 8.56
C LEU B 48 -11.05 -26.01 9.79
N GLU B 49 -10.72 -25.57 11.00
CA GLU B 49 -11.30 -26.08 12.19
C GLU B 49 -12.42 -25.16 12.56
N ARG B 50 -13.65 -25.49 12.18
CA ARG B 50 -14.78 -24.65 12.54
C ARG B 50 -15.21 -24.75 14.02
N VAL B 51 -15.42 -23.62 14.69
CA VAL B 51 -16.09 -23.52 16.01
C VAL B 51 -17.16 -22.39 15.99
N ASP B 52 -17.98 -22.31 17.03
CA ASP B 52 -19.06 -21.31 17.16
C ASP B 52 -18.68 -20.30 18.25
N PRO B 53 -18.31 -19.07 17.85
CA PRO B 53 -17.76 -18.14 18.81
C PRO B 53 -18.73 -17.79 19.94
N THR B 54 -20.05 -17.79 19.67
CA THR B 54 -21.05 -17.55 20.74
C THR B 54 -21.14 -18.64 21.80
N THR B 55 -20.67 -19.85 21.49
CA THR B 55 -20.77 -20.95 22.46
C THR B 55 -19.44 -21.23 23.15
N VAL B 56 -18.37 -20.65 22.63
CA VAL B 56 -16.98 -21.05 22.97
C VAL B 56 -16.52 -20.94 24.46
N ARG B 57 -16.94 -19.89 25.19
CA ARG B 57 -16.63 -19.86 26.65
C ARG B 57 -17.68 -20.48 27.56
N GLN B 58 -18.45 -21.39 26.98
CA GLN B 58 -19.42 -22.15 27.76
C GLN B 58 -19.15 -23.64 27.65
N GLU B 59 -18.98 -24.12 26.44
CA GLU B 59 -18.78 -25.54 26.20
C GLU B 59 -17.61 -25.73 25.26
N GLY B 60 -16.89 -26.85 25.42
CA GLY B 60 -15.72 -27.18 24.59
C GLY B 60 -14.49 -27.04 25.45
N PRO B 61 -13.28 -27.13 24.87
CA PRO B 61 -12.05 -26.90 25.67
C PRO B 61 -11.70 -25.44 25.98
N TRP B 62 -12.42 -24.48 25.42
CA TRP B 62 -12.16 -23.06 25.78
C TRP B 62 -13.05 -22.51 26.89
N ALA B 63 -13.73 -23.38 27.62
CA ALA B 63 -14.74 -22.99 28.61
C ALA B 63 -14.20 -22.93 30.03
N ASP B 64 -12.98 -23.43 30.22
CA ASP B 64 -12.43 -23.63 31.54
C ASP B 64 -10.89 -23.48 31.56
N PRO B 65 -10.40 -22.30 31.97
CA PRO B 65 -9.02 -21.88 32.27
C PRO B 65 -8.11 -22.94 32.91
N ALA B 66 -8.68 -23.69 33.85
CA ALA B 66 -8.01 -24.81 34.51
C ALA B 66 -7.55 -25.86 33.49
N GLN B 67 -8.44 -26.11 32.51
CA GLN B 67 -8.22 -27.12 31.46
C GLN B 67 -7.52 -26.70 30.14
N ALA B 68 -6.92 -25.50 30.12
CA ALA B 68 -6.30 -24.93 28.93
C ALA B 68 -5.11 -25.73 28.50
N VAL B 69 -4.20 -26.03 29.41
CA VAL B 69 -3.02 -26.84 29.10
C VAL B 69 -3.37 -28.31 29.26
N VAL B 70 -3.20 -29.10 28.20
CA VAL B 70 -3.63 -30.49 28.18
C VAL B 70 -2.56 -31.41 27.50
N GLN B 71 -1.83 -32.20 28.30
CA GLN B 71 -0.68 -33.01 27.83
C GLN B 71 -1.06 -33.93 26.69
N THR B 72 -0.28 -33.89 25.62
CA THR B 72 -0.78 -34.45 24.40
C THR B 72 0.26 -35.39 23.77
N GLY B 73 1.35 -35.54 24.51
CA GLY B 73 2.49 -36.39 24.19
C GLY B 73 3.40 -36.37 25.40
N PRO B 74 4.35 -37.34 25.50
CA PRO B 74 5.40 -37.30 26.55
C PRO B 74 6.15 -35.95 26.66
N ASN B 75 6.29 -35.25 25.53
CA ASN B 75 6.90 -33.91 25.50
C ASN B 75 6.06 -32.87 24.69
N GLN B 76 4.74 -32.92 24.90
CA GLN B 76 3.81 -32.14 24.08
C GLN B 76 2.68 -31.56 24.90
N TYR B 77 2.42 -30.27 24.71
CA TYR B 77 1.21 -29.66 25.27
C TYR B 77 0.34 -28.89 24.26
N THR B 78 -0.95 -29.15 24.31
CA THR B 78 -1.95 -28.37 23.60
C THR B 78 -2.42 -27.32 24.58
N VAL B 79 -2.36 -26.05 24.21
CA VAL B 79 -2.91 -25.00 25.03
C VAL B 79 -4.18 -24.40 24.37
N TYR B 80 -5.32 -24.48 25.01
CA TYR B 80 -6.53 -23.79 24.49
C TYR B 80 -6.47 -22.37 24.95
N VAL B 81 -6.24 -21.44 24.03
CA VAL B 81 -6.09 -20.03 24.41
C VAL B 81 -7.30 -19.33 23.91
N LEU B 82 -7.93 -18.52 24.74
CA LEU B 82 -8.99 -17.65 24.29
C LEU B 82 -8.48 -16.18 24.23
N ALA B 83 -8.61 -15.58 23.05
CA ALA B 83 -8.30 -14.17 22.81
C ALA B 83 -9.64 -13.45 22.71
N PHE B 84 -9.90 -12.49 23.59
CA PHE B 84 -11.22 -11.87 23.64
C PHE B 84 -11.06 -10.39 23.85
N ALA B 85 -12.15 -9.66 23.63
CA ALA B 85 -12.20 -8.23 24.00
C ALA B 85 -11.81 -7.93 25.48
N PHE B 86 -10.54 -8.24 25.73
CA PHE B 86 -9.49 -7.28 26.09
C PHE B 86 -8.44 -7.90 26.97
N GLY B 87 -8.42 -9.26 26.90
CA GLY B 87 -7.27 -10.07 27.31
C GLY B 87 -7.23 -11.54 26.90
N TYR B 88 -6.51 -12.31 27.70
CA TYR B 88 -6.24 -13.72 27.38
C TYR B 88 -6.61 -14.65 28.51
N GLN B 89 -7.36 -15.67 28.13
CA GLN B 89 -7.64 -16.84 28.94
C GLN B 89 -6.74 -17.99 28.41
N PRO B 90 -5.98 -18.65 29.31
CA PRO B 90 -5.87 -18.34 30.70
C PRO B 90 -4.80 -17.25 30.84
N ASN B 91 -4.59 -16.75 32.06
CA ASN B 91 -3.48 -15.85 32.29
C ASN B 91 -2.90 -16.01 33.67
N PRO B 92 -1.66 -16.52 33.78
CA PRO B 92 -0.74 -16.87 32.72
C PRO B 92 -0.95 -18.24 32.06
N ILE B 93 -0.19 -18.45 31.00
CA ILE B 93 -0.02 -19.72 30.39
C ILE B 93 1.31 -20.15 30.97
N GLU B 94 1.26 -21.28 31.65
CA GLU B 94 2.41 -21.86 32.22
C GLU B 94 2.73 -23.05 31.35
N VAL B 95 3.96 -23.16 30.87
CA VAL B 95 4.36 -24.32 30.07
C VAL B 95 5.75 -24.66 30.41
N PRO B 96 6.10 -25.94 30.37
CA PRO B 96 7.47 -26.36 30.75
C PRO B 96 8.49 -26.01 29.69
N GLN B 97 9.69 -25.62 30.07
CA GLN B 97 10.73 -25.42 29.06
C GLN B 97 11.25 -26.72 28.42
N GLY B 98 11.38 -26.73 27.10
CA GLY B 98 11.99 -27.84 26.35
C GLY B 98 10.97 -28.49 25.44
N ALA B 99 9.71 -28.28 25.79
CA ALA B 99 8.57 -28.98 25.20
C ALA B 99 7.90 -28.30 23.97
N GLU B 100 7.33 -29.12 23.10
CA GLU B 100 6.57 -28.62 21.97
C GLU B 100 5.20 -28.16 22.44
N ILE B 101 4.97 -26.88 22.20
CA ILE B 101 3.75 -26.26 22.60
C ILE B 101 2.94 -26.00 21.33
N VAL B 102 1.69 -26.43 21.42
CA VAL B 102 0.76 -26.36 20.34
C VAL B 102 -0.38 -25.41 20.74
N PHE B 103 -0.25 -24.16 20.31
CA PHE B 103 -1.27 -23.21 20.67
C PHE B 103 -2.55 -23.38 19.80
N LYS B 104 -3.68 -23.62 20.45
CA LYS B 104 -4.99 -23.61 19.73
C LYS B 104 -5.87 -22.44 20.19
N ILE B 105 -5.99 -21.43 19.32
CA ILE B 105 -6.49 -20.13 19.74
C ILE B 105 -7.67 -19.81 18.94
N THR B 106 -8.66 -19.22 19.59
CA THR B 106 -9.82 -18.70 18.95
C THR B 106 -10.41 -17.52 19.75
N SER B 107 -11.44 -16.88 19.21
CA SER B 107 -12.06 -15.68 19.80
C SER B 107 -13.58 -15.73 19.85
N PRO B 108 -14.15 -15.17 20.91
CA PRO B 108 -15.58 -15.15 21.01
C PRO B 108 -16.28 -13.92 20.38
N ASP B 109 -15.53 -12.91 19.94
CA ASP B 109 -16.11 -11.64 19.47
C ASP B 109 -15.62 -11.12 18.06
N VAL B 110 -14.47 -10.42 18.08
CA VAL B 110 -13.88 -9.74 16.92
C VAL B 110 -12.46 -10.32 16.72
N ILE B 111 -11.80 -10.07 15.58
CA ILE B 111 -10.44 -10.59 15.30
C ILE B 111 -9.40 -10.05 16.27
N HIS B 112 -8.48 -10.91 16.71
CA HIS B 112 -7.35 -10.47 17.52
C HIS B 112 -6.06 -10.96 16.92
N GLY B 113 -4.95 -10.45 17.44
CA GLY B 113 -3.64 -10.96 17.17
C GLY B 113 -3.10 -11.60 18.44
N PHE B 114 -2.14 -12.50 18.26
CA PHE B 114 -1.57 -13.26 19.35
C PHE B 114 -0.15 -13.34 18.85
N HIS B 115 0.64 -12.44 19.41
CA HIS B 115 2.02 -12.27 19.10
C HIS B 115 2.88 -12.34 20.37
N VAL B 116 3.90 -13.18 20.37
CA VAL B 116 4.63 -13.40 21.56
C VAL B 116 6.05 -12.79 21.52
N GLU B 117 6.22 -11.66 22.21
CA GLU B 117 7.55 -11.04 22.39
C GLU B 117 8.75 -12.01 22.41
N GLY B 118 9.70 -11.83 21.49
CA GLY B 118 10.90 -12.67 21.45
C GLY B 118 10.73 -14.04 20.82
N THR B 119 9.72 -14.21 19.98
CA THR B 119 9.40 -15.47 19.33
C THR B 119 8.80 -15.11 17.97
N ASN B 120 8.60 -16.07 17.10
CA ASN B 120 7.93 -15.76 15.90
C ASN B 120 6.52 -16.23 15.97
N ILE B 121 6.00 -16.48 17.18
CA ILE B 121 4.55 -16.69 17.30
C ILE B 121 3.93 -15.33 16.90
N ASN B 122 3.08 -15.32 15.87
CA ASN B 122 2.50 -14.08 15.32
C ASN B 122 1.24 -14.42 14.48
N VAL B 123 0.08 -14.51 15.11
CA VAL B 123 -1.07 -15.09 14.42
C VAL B 123 -2.36 -14.28 14.59
N GLU B 124 -3.22 -14.33 13.58
CA GLU B 124 -4.52 -13.69 13.67
C GLU B 124 -5.51 -14.67 14.25
N VAL B 125 -6.34 -14.19 15.17
CA VAL B 125 -7.38 -14.98 15.78
C VAL B 125 -8.70 -14.49 15.17
N LEU B 126 -9.38 -15.35 14.42
CA LEU B 126 -10.75 -15.06 13.86
C LEU B 126 -11.95 -15.77 14.56
N PRO B 127 -12.98 -15.00 14.92
CA PRO B 127 -14.16 -15.68 15.50
C PRO B 127 -14.74 -16.75 14.56
N GLY B 128 -14.85 -17.98 15.05
CA GLY B 128 -15.38 -19.10 14.26
C GLY B 128 -14.36 -20.06 13.68
N GLU B 129 -13.09 -19.92 14.06
CA GLU B 129 -11.98 -20.66 13.41
C GLU B 129 -10.81 -20.79 14.40
N VAL B 130 -10.03 -21.88 14.30
CA VAL B 130 -9.01 -22.19 15.32
C VAL B 130 -7.70 -21.95 14.66
N SER B 131 -6.82 -21.19 15.31
CA SER B 131 -5.54 -20.88 14.72
C SER B 131 -4.55 -21.77 15.41
N THR B 132 -3.85 -22.57 14.63
CA THR B 132 -3.02 -23.60 15.22
C THR B 132 -1.56 -23.45 14.82
N VAL B 133 -0.77 -22.97 15.78
CA VAL B 133 0.70 -22.90 15.70
C VAL B 133 1.40 -23.71 16.80
N ARG B 134 2.70 -23.94 16.58
CA ARG B 134 3.56 -24.76 17.40
C ARG B 134 4.88 -24.09 17.61
N TYR B 135 5.46 -24.33 18.79
CA TYR B 135 6.65 -23.63 19.25
C TYR B 135 7.28 -24.36 20.41
N THR B 136 8.58 -24.17 20.59
CA THR B 136 9.33 -24.75 21.69
C THR B 136 10.15 -23.63 22.26
N PHE B 137 9.88 -23.27 23.51
CA PHE B 137 10.67 -22.24 24.19
C PHE B 137 12.02 -22.80 24.73
N LYS B 138 13.11 -22.36 24.12
CA LYS B 138 14.47 -22.79 24.44
C LYS B 138 15.02 -22.20 25.74
N ARG B 139 14.34 -21.25 26.37
CA ARG B 139 14.81 -20.75 27.67
C ARG B 139 13.66 -20.14 28.52
N PRO B 140 13.74 -20.28 29.85
CA PRO B 140 12.61 -19.92 30.69
C PRO B 140 12.46 -18.43 30.95
N GLY B 141 11.29 -18.02 31.41
CA GLY B 141 11.01 -16.63 31.70
C GLY B 141 9.55 -16.27 31.48
N GLU B 142 9.24 -14.97 31.58
CA GLU B 142 7.92 -14.44 31.18
C GLU B 142 7.97 -13.89 29.77
N TYR B 143 6.93 -14.19 29.00
CA TYR B 143 6.79 -13.71 27.65
C TYR B 143 5.49 -12.97 27.57
N ARG B 144 5.55 -11.75 27.07
CA ARG B 144 4.37 -10.94 27.02
C ARG B 144 3.66 -11.20 25.71
N ILE B 145 2.37 -11.35 25.74
CA ILE B 145 1.59 -11.48 24.55
C ILE B 145 1.01 -10.08 24.27
N ILE B 146 1.24 -9.56 23.05
CA ILE B 146 0.72 -8.26 22.62
C ILE B 146 -0.40 -8.58 21.66
N CYS B 147 -1.53 -7.88 21.73
CA CYS B 147 -2.54 -8.05 20.71
C CYS B 147 -2.27 -7.07 19.59
N ASN B 148 -1.83 -7.52 18.41
CA ASN B 148 -1.49 -6.57 17.35
C ASN B 148 -2.48 -6.48 16.19
N GLN B 149 -3.76 -6.73 16.48
CA GLN B 149 -4.80 -6.44 15.49
C GLN B 149 -5.87 -5.58 16.14
N TYR B 150 -6.08 -4.36 15.61
CA TYR B 150 -7.09 -3.45 16.19
C TYR B 150 -8.46 -4.15 16.38
N CYS B 151 -9.04 -3.98 17.56
CA CYS B 151 -10.22 -4.72 17.94
C CYS B 151 -11.20 -3.86 18.74
N GLY B 152 -10.96 -2.56 18.83
CA GLY B 152 -11.76 -1.72 19.70
C GLY B 152 -10.91 -0.92 20.65
N LEU B 153 -11.53 -0.25 21.62
CA LEU B 153 -10.79 0.76 22.38
C LEU B 153 -9.96 0.19 23.50
N GLY B 154 -10.11 -1.08 23.81
CA GLY B 154 -9.21 -1.67 24.80
C GLY B 154 -7.95 -2.14 24.12
N HIS B 155 -7.82 -1.85 22.80
CA HIS B 155 -6.77 -2.47 21.96
C HIS B 155 -5.38 -2.30 22.60
N GLN B 156 -4.97 -1.04 22.80
CA GLN B 156 -3.63 -0.75 23.28
C GLN B 156 -3.33 -1.43 24.62
N ASN B 157 -4.35 -2.06 25.22
CA ASN B 157 -4.17 -2.64 26.56
C ASN B 157 -4.23 -4.13 26.58
N MET B 158 -4.53 -4.70 25.44
CA MET B 158 -4.60 -6.12 25.39
C MET B 158 -3.20 -6.77 25.44
N PHE B 159 -2.75 -7.11 26.64
CA PHE B 159 -1.58 -7.96 26.78
C PHE B 159 -1.89 -9.25 27.55
N GLY B 160 -1.04 -10.26 27.38
CA GLY B 160 -1.12 -11.51 28.15
C GLY B 160 0.24 -11.87 28.67
N THR B 161 0.33 -12.97 29.44
CA THR B 161 1.61 -13.50 29.92
C THR B 161 1.76 -14.98 29.63
N ILE B 162 2.95 -15.40 29.23
CA ILE B 162 3.29 -16.81 29.23
C ILE B 162 4.43 -16.99 30.19
N VAL B 163 4.25 -17.89 31.14
CA VAL B 163 5.33 -18.25 32.05
C VAL B 163 5.84 -19.59 31.54
N VAL B 164 7.10 -19.62 31.16
CA VAL B 164 7.70 -20.90 30.81
C VAL B 164 8.63 -21.33 31.94
N LYS B 165 8.20 -22.43 32.60
CA LYS B 165 8.70 -22.98 33.87
C LYS B 165 10.11 -23.50 33.68
N GLU B 166 10.97 -23.20 34.65
CA GLU B 166 12.43 -23.39 34.54
C GLU B 166 12.90 -24.70 33.81
N GLU C 1 28.21 9.18 -25.03
CA GLU C 1 29.51 8.70 -24.45
C GLU C 1 29.58 7.16 -24.49
N GLU C 2 29.63 6.53 -23.31
CA GLU C 2 29.66 5.05 -23.17
C GLU C 2 28.70 4.52 -22.07
N LYS C 3 29.26 4.34 -20.87
CA LYS C 3 28.66 3.59 -19.77
C LYS C 3 27.70 4.43 -18.93
N PRO C 4 26.46 3.92 -18.68
CA PRO C 4 25.51 4.64 -17.82
C PRO C 4 25.86 4.29 -16.39
N LYS C 5 27.01 4.75 -15.94
CA LYS C 5 27.55 4.30 -14.66
C LYS C 5 26.87 4.95 -13.44
N GLY C 6 26.30 6.14 -13.62
CA GLY C 6 25.53 6.77 -12.57
C GLY C 6 24.41 5.84 -12.18
N ALA C 7 23.66 5.34 -13.18
CA ALA C 7 22.55 4.38 -13.00
C ALA C 7 22.97 3.03 -12.35
N LEU C 8 24.17 2.57 -12.65
CA LEU C 8 24.75 1.39 -11.97
C LEU C 8 25.02 1.62 -10.47
N ALA C 9 25.61 2.75 -10.09
CA ALA C 9 25.78 3.07 -8.70
C ALA C 9 24.44 3.23 -8.00
N VAL C 10 23.39 3.62 -8.74
CA VAL C 10 22.04 3.67 -8.19
C VAL C 10 21.62 2.28 -7.88
N ILE C 11 21.66 1.38 -8.88
CA ILE C 11 21.12 0.02 -8.68
C ILE C 11 22.01 -0.78 -7.75
N LEU C 12 23.20 -0.27 -7.54
CA LEU C 12 24.10 -0.87 -6.57
C LEU C 12 23.69 -0.57 -5.12
N VAL C 13 23.38 0.70 -4.83
CA VAL C 13 22.86 1.11 -3.52
C VAL C 13 21.55 0.32 -3.24
N LEU C 14 20.77 0.10 -4.29
CA LEU C 14 19.50 -0.54 -4.19
C LEU C 14 19.68 -1.99 -3.83
N THR C 15 20.57 -2.68 -4.53
CA THR C 15 20.95 -4.04 -4.15
C THR C 15 21.44 -4.16 -2.69
N LEU C 16 22.42 -3.35 -2.31
CA LEU C 16 22.85 -3.38 -0.92
C LEU C 16 21.72 -3.16 0.13
N THR C 17 20.87 -2.16 -0.07
CA THR C 17 19.78 -1.92 0.88
C THR C 17 18.92 -3.19 1.02
N ILE C 18 18.51 -3.70 -0.15
CA ILE C 18 17.80 -4.95 -0.26
C ILE C 18 18.50 -6.05 0.54
N LEU C 19 19.83 -6.23 0.42
CA LEU C 19 20.55 -7.26 1.24
C LEU C 19 20.72 -6.92 2.72
N VAL C 20 20.93 -5.67 3.09
CA VAL C 20 21.01 -5.41 4.51
C VAL C 20 19.69 -5.71 5.20
N PHE C 21 18.59 -5.30 4.57
CA PHE C 21 17.26 -5.51 5.11
C PHE C 21 16.93 -7.02 5.22
N TRP C 22 17.10 -7.78 4.12
CA TRP C 22 16.72 -9.22 4.05
C TRP C 22 17.66 -10.07 4.96
N LEU C 23 18.96 -9.83 4.85
CA LEU C 23 19.88 -10.52 5.76
C LEU C 23 19.64 -10.13 7.25
N GLY C 24 19.41 -8.84 7.55
CA GLY C 24 19.12 -8.43 8.91
C GLY C 24 17.83 -9.09 9.39
N VAL C 25 16.78 -9.01 8.61
CA VAL C 25 15.61 -9.68 9.07
C VAL C 25 15.74 -11.22 9.12
N TYR C 26 16.59 -11.83 8.30
CA TYR C 26 16.75 -13.32 8.35
C TYR C 26 17.33 -13.69 9.73
N ALA C 27 18.36 -12.94 10.12
CA ALA C 27 19.07 -13.16 11.36
C ALA C 27 18.13 -12.98 12.55
N VAL C 28 17.33 -11.93 12.56
CA VAL C 28 16.36 -11.77 13.63
C VAL C 28 15.46 -12.99 13.68
N PHE C 29 14.95 -13.43 12.52
CA PHE C 29 13.97 -14.57 12.46
C PHE C 29 14.55 -15.78 13.16
N PHE C 30 15.80 -16.13 12.80
CA PHE C 30 16.48 -17.26 13.46
C PHE C 30 16.65 -17.04 14.90
N ALA C 31 17.21 -15.89 15.30
CA ALA C 31 17.37 -15.60 16.73
C ALA C 31 16.08 -15.72 17.57
N ARG C 32 14.89 -15.76 16.97
CA ARG C 32 13.63 -15.85 17.73
C ARG C 32 12.96 -17.18 17.53
N GLY C 33 13.73 -18.13 16.97
CA GLY C 33 13.20 -19.39 16.45
C GLY C 33 13.23 -20.58 17.42
CU CU1 D . 0.35 -6.24 -0.80
CHA HEM E . -0.86 5.37 9.52
CHB HEM E . 1.81 9.40 10.34
CHC HEM E . 0.67 11.06 5.88
CHD HEM E . -1.35 6.72 4.78
C1A HEM E . 0.03 6.27 10.09
C2A HEM E . 0.78 6.09 11.34
C3A HEM E . 1.50 7.23 11.54
C4A HEM E . 1.25 8.13 10.46
CMA HEM E . 2.50 7.67 12.62
CAA HEM E . 0.67 4.76 12.17
CBA HEM E . -0.42 4.83 13.26
CGA HEM E . -1.00 3.47 13.66
O1A HEM E . -1.76 3.37 14.69
O2A HEM E . -0.70 2.49 12.93
C1B HEM E . 1.64 10.27 9.24
C2B HEM E . 2.08 11.66 9.17
C3B HEM E . 1.76 12.06 7.91
C4B HEM E . 1.09 11.00 7.18
CMB HEM E . 2.84 12.53 10.28
CAB HEM E . 2.03 13.46 7.28
CBB HEM E . 1.03 14.16 6.71
C1C HEM E . 0.09 9.97 5.23
C2C HEM E . -0.30 9.99 3.82
C3C HEM E . -0.82 8.79 3.54
C4C HEM E . -0.80 7.98 4.74
CMC HEM E . -0.05 11.23 2.89
CAC HEM E . -1.39 8.20 2.22
CBC HEM E . -1.67 8.93 1.12
C1D HEM E . -1.50 6.05 5.96
C2D HEM E . -2.23 4.80 6.13
C3D HEM E . -2.06 4.38 7.62
C4D HEM E . -1.26 5.41 8.19
CMD HEM E . -3.01 4.04 5.04
CAD HEM E . -2.57 3.17 8.41
CBD HEM E . -4.08 3.04 8.47
CGD HEM E . -4.48 1.87 9.32
O1D HEM E . -5.67 1.58 9.39
O2D HEM E . -3.62 1.18 9.92
NA HEM E . 0.34 7.56 9.57
NB HEM E . 1.00 9.87 8.03
NC HEM E . -0.25 8.74 5.79
ND HEM E . -0.96 6.39 7.18
FE HEM E . -0.14 8.13 7.61
FE HAS F . 3.88 -2.91 0.52
CHA HAS F . 1.98 -3.99 3.33
CHB HAS F . 5.16 -6.08 0.14
CHC HAS F . 5.28 -2.04 -2.56
CHD HAS F . 1.85 -0.04 0.38
NA HAS F . 2.29 -2.11 1.67
C1A HAS F . 1.64 -2.68 2.75
C2A HAS F . 0.48 -1.90 3.28
C3A HAS F . 0.44 -0.71 2.42
C4A HAS F . 1.58 -0.98 1.48
CMA HAS F . -0.48 0.47 2.45
OMD HAS F . 4.42 -9.08 1.04
CAA HAS F . -0.35 -2.24 4.48
CBA HAS F . -1.63 -2.97 4.15
CGA HAS F . -2.38 -2.89 5.45
O1A HAS F . -2.79 -1.74 5.80
O2A HAS F . -2.50 -3.94 6.16
NB HAS F . 5.05 -3.87 -0.93
C1B HAS F . 5.47 -5.15 -0.96
C2B HAS F . 6.23 -5.49 -2.09
C3B HAS F . 6.27 -4.35 -2.84
C4B HAS F . 5.54 -3.41 -2.12
CMB HAS F . 6.88 -6.80 -2.43
NC HAS F . 3.61 -1.34 -0.85
C1C HAS F . 4.20 -1.14 -2.06
C2C HAS F . 3.82 0.02 -2.79
C3C HAS F . 2.84 0.60 -1.90
C4C HAS F . 2.73 -0.31 -0.76
CMC HAS F . 4.21 0.67 -4.11
CAC HAS F . 2.22 1.75 -2.25
CBC HAS F . 1.76 2.83 -2.73
ND HAS F . 3.62 -4.71 1.56
C1D HAS F . 4.17 -5.91 1.23
C2D HAS F . 3.74 -6.95 2.05
C3D HAS F . 2.80 -6.35 3.01
C4D HAS F . 2.79 -5.02 2.62
CMD HAS F . 4.21 -8.39 2.02
CAD HAS F . 2.08 -7.04 4.14
CBD HAS F . 3.09 -7.37 5.24
CGD HAS F . 2.25 -7.37 6.48
O1D HAS F . 2.63 -7.96 7.53
O2D HAS F . 1.14 -6.82 6.40
C11 HAS F . 6.94 -4.23 -4.13
O11 HAS F . 5.89 -3.75 -5.00
C12 HAS F . 8.18 -3.33 -3.92
C13 HAS F . 9.10 -3.36 -5.10
C14 HAS F . 10.01 -2.13 -5.07
C15 HAS F . 11.34 -2.00 -5.33
C16 HAS F . 11.97 -0.62 -5.22
C17 HAS F . 12.59 -0.16 -6.59
C18 HAS F . 13.19 1.23 -6.45
C19 HAS F . 13.01 2.31 -7.25
C20 HAS F . 13.72 3.58 -6.88
C21 HAS F . 15.03 3.86 -7.60
C22 HAS F . 15.49 5.31 -7.38
C23 HAS F . 15.80 6.17 -8.38
C24 HAS F . 16.27 7.57 -8.09
C25 HAS F . 15.71 5.76 -9.83
C26 HAS F . 12.20 -3.17 -5.71
C27 HAS F . 12.16 2.32 -8.47
C28 HAS F . 17.70 7.74 -8.57
C29 HAS F . 17.88 9.25 -8.64
C30 HAS F . 18.88 9.99 -8.12
C31 HAS F . 18.77 11.48 -8.34
C32 HAS F . 20.00 9.34 -7.37
C1 BNG G . -25.26 11.67 -19.55
C2 BNG G . -24.55 12.64 -18.60
C3 BNG G . -24.84 14.07 -19.12
C4 BNG G . -24.18 14.22 -20.50
C5 BNG G . -24.79 13.15 -21.46
C6 BNG G . -24.24 13.19 -22.88
C1' BNG G . -26.41 9.60 -19.20
C2' BNG G . -26.10 8.14 -19.50
C3' BNG G . -25.94 7.89 -20.99
C4' BNG G . -25.88 6.38 -21.27
C5' BNG G . -27.12 5.88 -22.02
C6' BNG G . -27.57 4.51 -21.52
C7' BNG G . -27.62 3.48 -22.66
C8' BNG G . -29.05 3.19 -23.11
C9' BNG G . -29.18 3.18 -24.62
O1 BNG G . -25.18 10.32 -19.06
O2 BNG G . -24.94 12.45 -17.23
O3 BNG G . -24.43 15.07 -18.16
O4 BNG G . -24.26 15.55 -21.03
O5 BNG G . -24.70 11.82 -20.89
O6 BNG G . -22.80 13.15 -22.94
C1 BNG H . 20.39 9.12 4.78
C2 BNG H . 19.46 8.98 3.55
C3 BNG H . 18.13 8.19 3.76
C4 BNG H . 18.24 7.04 4.81
C5 BNG H . 18.98 7.55 6.05
C6 BNG H . 19.09 6.47 7.13
C1' BNG H . 22.31 10.60 4.57
C2' BNG H . 23.45 10.53 5.59
C3' BNG H . 24.58 11.52 5.31
C4' BNG H . 25.94 10.98 5.79
C5' BNG H . 27.10 11.90 5.42
C6' BNG H . 27.78 12.50 6.66
C7' BNG H . 28.29 13.93 6.42
C8' BNG H . 27.25 15.04 6.64
C9' BNG H . 27.36 15.67 8.02
O1 BNG H . 21.75 9.31 4.32
O2 BNG H . 19.22 10.31 3.11
O3 BNG H . 17.55 7.83 2.47
O4 BNG H . 16.98 6.48 5.22
O5 BNG H . 20.30 7.99 5.70
O6 BNG H . 19.77 7.03 8.24
C1 BNG I . 18.25 23.69 -3.14
C2 BNG I . 17.27 24.69 -3.73
C3 BNG I . 17.58 25.04 -5.21
C4 BNG I . 19.07 25.28 -5.52
C5 BNG I . 20.00 24.38 -4.70
C6 BNG I . 21.37 25.02 -4.68
C1' BNG I . 18.03 22.19 -1.29
C2' BNG I . 18.72 22.20 0.07
C3' BNG I . 17.91 21.49 1.14
C4' BNG I . 18.62 20.19 1.52
C5' BNG I . 18.67 19.93 3.03
C6' BNG I . 18.84 18.45 3.37
C7' BNG I . 20.26 17.89 3.13
C8' BNG I . 20.32 16.81 2.05
C9' BNG I . 21.18 17.25 0.89
O1 BNG I . 17.91 23.52 -1.76
O2 BNG I . 15.98 24.11 -3.59
O3 BNG I . 16.86 26.20 -5.62
O4 BNG I . 19.33 25.07 -6.92
O5 BNG I . 19.61 24.16 -3.33
O6 BNG I . 22.25 23.92 -4.81
CU1 CUA J . -6.22 -5.55 19.65
CU2 CUA J . -7.47 -7.68 20.62
C1 BNG K . 15.97 -6.60 18.38
C2 BNG K . 16.85 -7.84 18.29
C3 BNG K . 16.16 -9.13 18.75
C4 BNG K . 15.23 -8.99 19.98
C5 BNG K . 14.71 -7.57 20.27
C6 BNG K . 14.55 -7.44 21.80
C1' BNG K . 16.51 -4.93 16.66
C2' BNG K . 17.76 -4.17 16.18
C3' BNG K . 17.48 -3.08 15.13
C4' BNG K . 18.30 -1.80 15.34
C5' BNG K . 17.68 -0.53 14.70
C6' BNG K . 17.40 -0.69 13.19
C7' BNG K . 17.16 0.57 12.36
C8' BNG K . 16.35 0.07 11.17
C9' BNG K . 15.98 1.13 10.15
O1 BNG K . 16.72 -5.43 17.99
O2 BNG K . 17.32 -7.94 16.93
O3 BNG K . 17.17 -10.13 19.04
O4 BNG K . 14.10 -9.87 19.84
O5 BNG K . 15.57 -6.51 19.75
O6 BNG K . 13.48 -6.53 22.15
#